data_9HH5
#
_entry.id   9HH5
#
_cell.length_a   151.408
_cell.length_b   151.408
_cell.length_c   109.302
_cell.angle_alpha   90.00
_cell.angle_beta   90.00
_cell.angle_gamma   120.00
#
_symmetry.space_group_name_H-M   'P 63'
#
loop_
_entity.id
_entity.type
_entity.pdbx_description
1 polymer 'Replicase polyprotein 1ab'
2 polymer 'Nsp15 - Uridylate-specific endoribonuclease'
3 non-polymer 2-AMINO-2-HYDROXYMETHYL-PROPANE-1,3-DIOL
4 non-polymer 1-(2-methoxyethyl)-2-methyl-3-(pyrazin-2-ylmethyl)benzo[f]benzimidazol-3-ium-4,9-dione
5 water water
#
loop_
_entity_poly.entity_id
_entity_poly.type
_entity_poly.pdbx_seq_one_letter_code
_entity_poly.pdbx_strand_id
1 'polypeptide(L)'
;MSLENVAFNVVNKGHFDGQQGEVPVSIINNTVYTKVDGVDVELFENKTTLPVNVAFELWAKRNIKPVPEVKILNNLGVDI
AANTVIWDYKRDAPAHISTIGVCSMTDIAKKPTETICAPLTVFFDGRVDGQVDLFRNARNGVLITEGSVKGLQPSVGPKQ
ASLNGVTLIGEAVKTQFNYYKKVDGVVQQLPETYFTQSRNLQEFKPRSQMEIDFLELAMDEFIERYKLEGYAFEHIVYGD
FSHSQLGGLHLLIGLAKRFKESPFELEDFIPMDSTVKNYFITDAQTGSSKCVCSVIDLLLDDFVEIIKSQDLSVVSKVVK
VTIDYTEISFMLWCKDGHVETFYPKL
;
A
2 'polypeptide(L)'
;MSLENVAFNVVNKGHFDGQQGEVPVSIINNTVYTKVDGVDVELFENKTTLPVNVAFELWAKRNIKPVPEVKILNNLGVDI
AANTVIWDYKRDAPAHISTIGVCSMTDIAKKPTETICAPLTVFFDGRVDGQVDLFRNARNGVLITEGSVKGLQPSVGPKQ
ASLNGVTLIGEAVKTQFNYYKKVDGVVQQLPETYFTQSRNLQEFKPRSQMEIDFLELEDFIPMDSTVKNYFITDAQTGSS
KCVCSVIDLLLDDFVEVKVTIDYTEISF
;
B
#
loop_
_chem_comp.id
_chem_comp.type
_chem_comp.name
_chem_comp.formula
GXU non-polymer 1-(2-methoxyethyl)-2-methyl-3-(pyrazin-2-ylmethyl)benzo[f]benzimidazol-3-ium-4,9-dione 'C20 H19 N4 O3 1'
TRS non-polymer 2-AMINO-2-HYDROXYMETHYL-PROPANE-1,3-DIOL 'C4 H12 N O3 1'
#
# COMPACT_ATOMS: atom_id res chain seq x y z
N MET A 1 15.44 11.28 13.62
CA MET A 1 15.35 9.83 13.26
C MET A 1 16.66 9.14 13.65
N SER A 2 16.52 7.92 14.19
CA SER A 2 17.66 7.11 14.61
C SER A 2 17.18 5.72 15.02
N LEU A 3 17.68 4.69 14.32
CA LEU A 3 17.38 3.30 14.62
C LEU A 3 17.71 3.02 16.08
N GLU A 4 18.91 3.43 16.50
CA GLU A 4 19.42 3.14 17.83
C GLU A 4 18.59 3.85 18.89
N ASN A 5 18.05 5.03 18.54
CA ASN A 5 17.20 5.79 19.45
C ASN A 5 15.85 5.10 19.59
N VAL A 6 15.28 4.65 18.48
CA VAL A 6 14.02 3.91 18.50
C VAL A 6 14.19 2.70 19.40
N ALA A 7 15.31 1.98 19.25
CA ALA A 7 15.60 0.79 20.03
C ALA A 7 15.71 1.13 21.51
N PHE A 8 16.38 2.24 21.83
CA PHE A 8 16.55 2.70 23.20
C PHE A 8 15.17 2.87 23.86
N ASN A 9 14.23 3.47 23.12
CA ASN A 9 12.90 3.75 23.64
C ASN A 9 12.16 2.44 23.92
N VAL A 10 12.25 1.49 22.99
CA VAL A 10 11.55 0.21 23.12
C VAL A 10 12.06 -0.52 24.36
N VAL A 11 13.38 -0.53 24.54
CA VAL A 11 14.03 -1.20 25.67
C VAL A 11 13.60 -0.55 26.98
N ASN A 12 13.55 0.79 27.01
CA ASN A 12 13.45 1.53 28.26
C ASN A 12 12.01 1.92 28.57
N LYS A 13 11.18 2.10 27.53
CA LYS A 13 9.83 2.63 27.72
C LYS A 13 8.76 1.68 27.18
N GLY A 14 9.17 0.62 26.46
CA GLY A 14 8.23 -0.37 25.93
C GLY A 14 7.69 0.02 24.56
N HIS A 15 7.93 1.27 24.15
CA HIS A 15 7.48 1.80 22.87
C HIS A 15 8.22 3.11 22.65
N PHE A 16 7.99 3.76 21.50
CA PHE A 16 8.65 5.03 21.22
C PHE A 16 7.94 6.13 22.01
N ASP A 17 8.72 6.86 22.83
CA ASP A 17 8.17 7.86 23.72
C ASP A 17 9.00 9.15 23.64
N GLY A 18 9.79 9.31 22.57
CA GLY A 18 10.52 10.54 22.30
C GLY A 18 11.63 10.80 23.32
N GLN A 19 12.19 9.74 23.91
CA GLN A 19 13.25 9.86 24.89
C GLN A 19 14.60 9.84 24.18
N GLN A 20 15.56 10.62 24.69
CA GLN A 20 16.92 10.63 24.17
C GLN A 20 17.67 9.41 24.71
N GLY A 21 18.64 8.94 23.93
CA GLY A 21 19.44 7.77 24.28
C GLY A 21 19.61 6.83 23.09
N GLU A 22 20.60 5.94 23.19
CA GLU A 22 20.89 4.98 22.14
C GLU A 22 21.29 3.64 22.76
N VAL A 23 20.98 2.54 22.06
CA VAL A 23 21.45 1.22 22.40
C VAL A 23 22.04 0.59 21.15
N PRO A 24 22.99 -0.37 21.27
CA PRO A 24 23.53 -1.07 20.11
C PRO A 24 22.48 -1.96 19.44
N VAL A 25 22.44 -1.93 18.11
CA VAL A 25 21.43 -2.66 17.34
C VAL A 25 22.10 -3.44 16.22
N SER A 26 21.61 -4.67 16.00
N SER A 26 21.60 -4.66 15.97
CA SER A 26 21.98 -5.49 14.87
CA SER A 26 22.02 -5.45 14.83
C SER A 26 20.73 -5.88 14.08
C SER A 26 20.79 -5.97 14.08
N ILE A 27 20.86 -5.92 12.75
CA ILE A 27 19.77 -6.35 11.88
C ILE A 27 20.26 -7.54 11.07
N ILE A 28 19.57 -8.68 11.15
N ILE A 28 19.54 -8.67 11.25
CA ILE A 28 19.94 -9.82 10.32
CA ILE A 28 19.70 -9.90 10.49
C ILE A 28 18.67 -10.44 9.73
C ILE A 28 18.33 -10.58 10.40
N ASN A 29 18.63 -10.45 8.39
N ASN A 29 18.11 -11.35 9.32
CA ASN A 29 17.43 -10.80 7.65
CA ASN A 29 17.02 -12.32 9.25
C ASN A 29 16.33 -9.84 8.05
C ASN A 29 15.66 -11.64 9.41
N ASN A 30 15.31 -10.36 8.75
N ASN A 30 15.52 -10.42 8.87
CA ASN A 30 14.10 -9.61 8.97
CA ASN A 30 14.29 -9.66 8.94
C ASN A 30 13.88 -9.38 10.47
C ASN A 30 13.93 -9.41 10.40
N THR A 31 14.96 -9.34 11.26
CA THR A 31 14.83 -9.26 12.71
C THR A 31 15.77 -8.18 13.25
N VAL A 32 15.29 -7.45 14.27
CA VAL A 32 16.07 -6.43 14.95
C VAL A 32 16.49 -6.97 16.31
N TYR A 33 17.80 -6.90 16.61
CA TYR A 33 18.33 -7.32 17.90
C TYR A 33 19.02 -6.14 18.56
N THR A 34 19.13 -6.17 19.89
CA THR A 34 19.93 -5.22 20.64
C THR A 34 20.87 -6.00 21.56
N LYS A 35 22.04 -5.41 21.85
CA LYS A 35 23.04 -6.04 22.69
C LYS A 35 22.76 -5.70 24.15
N VAL A 36 22.59 -6.73 24.99
CA VAL A 36 22.38 -6.56 26.42
C VAL A 36 23.40 -7.41 27.16
N ASP A 37 24.38 -6.74 27.77
CA ASP A 37 25.41 -7.40 28.57
C ASP A 37 26.15 -8.43 27.73
N GLY A 38 26.45 -8.07 26.48
CA GLY A 38 27.34 -8.84 25.63
C GLY A 38 26.63 -9.92 24.81
N VAL A 39 25.29 -9.99 24.89
CA VAL A 39 24.53 -10.95 24.11
C VAL A 39 23.40 -10.23 23.38
N ASP A 40 23.02 -10.78 22.22
CA ASP A 40 22.01 -10.18 21.37
C ASP A 40 20.62 -10.67 21.79
N VAL A 41 19.68 -9.73 21.92
CA VAL A 41 18.31 -10.03 22.33
C VAL A 41 17.37 -9.48 21.26
N GLU A 42 16.42 -10.32 20.82
CA GLU A 42 15.49 -9.97 19.76
C GLU A 42 14.48 -8.96 20.27
N LEU A 43 14.33 -7.83 19.55
CA LEU A 43 13.36 -6.81 19.90
C LEU A 43 12.13 -6.89 18.99
N PHE A 44 12.33 -7.26 17.71
CA PHE A 44 11.27 -7.17 16.73
C PHE A 44 11.55 -8.11 15.56
N GLU A 45 10.53 -8.90 15.19
CA GLU A 45 10.55 -9.69 13.97
C GLU A 45 9.57 -9.07 12.98
N ASN A 46 10.08 -8.74 11.78
CA ASN A 46 9.30 -8.06 10.76
C ASN A 46 8.45 -9.10 10.01
N LYS A 47 7.13 -8.94 10.09
CA LYS A 47 6.19 -9.79 9.37
C LYS A 47 5.44 -8.96 8.31
N THR A 48 5.93 -7.73 8.06
CA THR A 48 5.31 -6.83 7.10
C THR A 48 6.04 -6.95 5.76
N THR A 49 5.55 -6.20 4.77
CA THR A 49 6.18 -6.14 3.45
C THR A 49 7.07 -4.90 3.34
N LEU A 50 7.23 -4.17 4.45
CA LEU A 50 8.13 -3.02 4.52
C LEU A 50 9.54 -3.50 4.87
N PRO A 51 10.58 -2.66 4.65
CA PRO A 51 11.91 -2.91 5.19
C PRO A 51 11.90 -3.07 6.71
N VAL A 52 12.74 -4.00 7.21
CA VAL A 52 12.74 -4.41 8.61
C VAL A 52 12.82 -3.19 9.53
N ASN A 53 13.71 -2.24 9.22
CA ASN A 53 14.00 -1.13 10.11
C ASN A 53 12.88 -0.09 10.07
N VAL A 54 12.15 -0.04 8.94
CA VAL A 54 11.03 0.86 8.78
C VAL A 54 9.84 0.32 9.57
N ALA A 55 9.57 -0.98 9.41
CA ALA A 55 8.50 -1.66 10.13
C ALA A 55 8.73 -1.56 11.64
N PHE A 56 9.98 -1.73 12.07
CA PHE A 56 10.36 -1.61 13.46
C PHE A 56 9.94 -0.25 14.02
N GLU A 57 10.24 0.81 13.27
CA GLU A 57 9.99 2.18 13.71
C GLU A 57 8.49 2.46 13.79
N LEU A 58 7.74 1.98 12.79
CA LEU A 58 6.29 2.21 12.75
C LEU A 58 5.62 1.46 13.90
N TRP A 59 6.08 0.24 14.16
CA TRP A 59 5.58 -0.55 15.28
C TRP A 59 5.85 0.18 16.60
N ALA A 60 7.07 0.69 16.76
CA ALA A 60 7.47 1.40 17.97
C ALA A 60 6.60 2.64 18.18
N LYS A 61 6.20 3.28 17.08
CA LYS A 61 5.42 4.51 17.14
C LYS A 61 3.93 4.23 16.96
N ARG A 62 3.49 3.02 17.32
CA ARG A 62 2.09 2.64 17.24
C ARG A 62 1.29 3.39 18.31
N ASN A 63 -0.02 3.55 18.04
CA ASN A 63 -0.92 4.16 19.00
C ASN A 63 -1.19 3.17 20.12
N ILE A 64 -0.95 3.59 21.37
CA ILE A 64 -1.06 2.73 22.53
C ILE A 64 -2.29 3.09 23.37
N LYS A 65 -3.16 3.96 22.82
CA LYS A 65 -4.44 4.25 23.43
C LYS A 65 -5.50 3.39 22.74
N PRO A 66 -6.72 3.23 23.32
CA PRO A 66 -7.81 2.59 22.60
C PRO A 66 -8.11 3.30 21.28
N VAL A 67 -8.14 2.53 20.19
CA VAL A 67 -8.36 3.08 18.85
C VAL A 67 -9.40 2.22 18.14
N PRO A 68 -10.10 2.75 17.12
CA PRO A 68 -11.00 1.96 16.30
C PRO A 68 -10.36 0.69 15.75
N GLU A 69 -11.13 -0.40 15.73
CA GLU A 69 -10.70 -1.62 15.06
C GLU A 69 -10.50 -1.32 13.58
N VAL A 70 -9.53 -2.00 12.97
CA VAL A 70 -9.10 -1.69 11.62
C VAL A 70 -10.26 -1.86 10.64
N LYS A 71 -11.11 -2.86 10.88
CA LYS A 71 -12.26 -3.13 10.03
C LYS A 71 -13.16 -1.90 9.93
N ILE A 72 -13.32 -1.18 11.05
CA ILE A 72 -14.14 0.02 11.08
C ILE A 72 -13.51 1.09 10.19
N LEU A 73 -12.20 1.29 10.33
CA LEU A 73 -11.48 2.32 9.58
C LEU A 73 -11.52 1.99 8.09
N ASN A 74 -11.30 0.71 7.75
CA ASN A 74 -11.33 0.26 6.37
C ASN A 74 -12.71 0.52 5.76
N ASN A 75 -13.77 0.23 6.52
CA ASN A 75 -15.14 0.34 6.04
C ASN A 75 -15.49 1.81 5.79
N LEU A 76 -14.90 2.72 6.57
CA LEU A 76 -15.17 4.15 6.43
C LEU A 76 -14.25 4.77 5.37
N GLY A 77 -13.32 3.97 4.84
CA GLY A 77 -12.52 4.37 3.69
C GLY A 77 -11.27 5.15 4.07
N VAL A 78 -10.80 4.97 5.31
CA VAL A 78 -9.62 5.66 5.81
C VAL A 78 -8.40 5.17 5.03
N ASP A 79 -7.59 6.12 4.55
CA ASP A 79 -6.41 5.81 3.76
C ASP A 79 -5.13 6.00 4.60
N ILE A 80 -5.18 6.89 5.59
CA ILE A 80 -4.00 7.34 6.29
C ILE A 80 -4.41 7.96 7.62
N ALA A 81 -3.48 7.99 8.58
CA ALA A 81 -3.73 8.57 9.89
C ALA A 81 -2.88 9.83 10.08
N ALA A 82 -3.45 10.81 10.79
CA ALA A 82 -2.74 12.05 11.08
C ALA A 82 -1.89 11.89 12.33
N ASN A 83 -0.57 11.84 12.14
CA ASN A 83 0.39 11.99 13.22
C ASN A 83 0.29 10.83 14.21
N THR A 84 0.04 9.63 13.69
CA THR A 84 0.05 8.41 14.50
C THR A 84 0.09 7.20 13.57
N VAL A 85 0.30 6.03 14.18
CA VAL A 85 0.26 4.77 13.45
C VAL A 85 -0.79 3.88 14.10
N ILE A 86 -1.79 3.47 13.30
CA ILE A 86 -2.72 2.43 13.70
C ILE A 86 -2.11 1.10 13.31
N TRP A 87 -1.62 0.35 14.31
CA TRP A 87 -1.00 -0.95 14.06
C TRP A 87 -2.09 -2.01 13.93
N ASP A 88 -2.02 -2.78 12.84
CA ASP A 88 -2.99 -3.85 12.58
C ASP A 88 -2.45 -5.14 13.15
N TYR A 89 -3.00 -5.54 14.32
CA TYR A 89 -2.52 -6.69 15.06
C TYR A 89 -2.96 -7.99 14.39
N LYS A 90 -4.02 -7.94 13.58
CA LYS A 90 -4.46 -9.10 12.82
C LYS A 90 -3.42 -9.47 11.77
N ARG A 91 -2.85 -8.45 11.11
CA ARG A 91 -1.88 -8.65 10.05
C ARG A 91 -0.45 -8.50 10.58
N ASP A 92 -0.31 -8.05 11.83
CA ASP A 92 1.00 -7.75 12.41
C ASP A 92 1.76 -6.82 11.47
N ALA A 93 1.12 -5.70 11.12
CA ALA A 93 1.68 -4.73 10.18
C ALA A 93 0.94 -3.40 10.34
N PRO A 94 1.47 -2.30 9.75
CA PRO A 94 0.72 -1.04 9.74
C PRO A 94 -0.58 -1.15 8.96
N ALA A 95 -1.66 -0.56 9.51
CA ALA A 95 -2.95 -0.54 8.85
C ALA A 95 -2.87 0.27 7.56
N HIS A 96 -2.01 1.29 7.56
CA HIS A 96 -1.84 2.18 6.42
C HIS A 96 -0.36 2.21 6.03
N ILE A 97 -0.09 2.26 4.72
CA ILE A 97 1.25 2.07 4.21
C ILE A 97 2.03 3.39 4.29
N SER A 98 1.33 4.52 4.20
CA SER A 98 1.94 5.83 4.33
C SER A 98 1.59 6.44 5.68
N THR A 99 2.35 7.48 6.07
CA THR A 99 2.17 8.15 7.35
C THR A 99 2.20 9.66 7.14
N ILE A 100 1.82 10.39 8.20
CA ILE A 100 1.92 11.84 8.26
C ILE A 100 2.62 12.22 9.56
N GLY A 101 3.85 12.73 9.44
CA GLY A 101 4.60 13.24 10.58
C GLY A 101 4.93 12.14 11.60
N VAL A 102 5.36 10.97 11.10
CA VAL A 102 5.72 9.85 11.96
C VAL A 102 7.15 9.42 11.62
N CYS A 103 7.36 9.01 10.37
CA CYS A 103 8.58 8.34 9.95
C CYS A 103 9.02 8.86 8.58
N SER A 104 10.32 9.18 8.46
CA SER A 104 10.85 9.85 7.28
C SER A 104 10.76 8.95 6.04
N MET A 105 10.79 7.63 6.24
CA MET A 105 10.77 6.69 5.14
C MET A 105 9.36 6.53 4.55
N THR A 106 8.33 6.73 5.39
CA THR A 106 6.96 6.44 4.97
C THR A 106 6.11 7.71 4.90
N ASP A 107 6.63 8.85 5.40
CA ASP A 107 5.88 10.09 5.41
C ASP A 107 5.65 10.59 3.99
N ILE A 108 4.40 10.96 3.69
CA ILE A 108 4.07 11.72 2.49
C ILE A 108 3.98 13.20 2.85
N ALA A 109 3.84 13.48 4.16
CA ALA A 109 3.74 14.86 4.64
C ALA A 109 4.09 14.90 6.13
N LYS A 110 4.36 16.11 6.63
CA LYS A 110 4.58 16.33 8.05
C LYS A 110 3.25 16.66 8.73
N LYS A 111 2.39 17.40 8.02
CA LYS A 111 1.09 17.79 8.54
C LYS A 111 0.00 17.43 7.53
N PRO A 112 -1.25 17.16 7.99
CA PRO A 112 -2.32 16.73 7.10
C PRO A 112 -2.92 17.85 6.24
N THR A 113 -2.46 19.09 6.45
CA THR A 113 -2.94 20.24 5.68
C THR A 113 -2.19 20.36 4.35
N GLU A 114 -1.11 19.58 4.19
CA GLU A 114 -0.35 19.57 2.95
C GLU A 114 -1.22 19.02 1.83
N THR A 115 -0.98 19.50 0.60
CA THR A 115 -1.88 19.33 -0.52
C THR A 115 -1.87 17.87 -1.02
N ILE A 116 -0.80 17.13 -0.68
CA ILE A 116 -0.70 15.72 -1.04
C ILE A 116 -1.80 14.92 -0.34
N CYS A 117 -2.25 15.40 0.84
CA CYS A 117 -3.21 14.67 1.66
C CYS A 117 -4.66 14.92 1.22
N ALA A 118 -4.87 15.92 0.35
CA ALA A 118 -6.21 16.37 0.00
C ALA A 118 -7.09 15.21 -0.47
N PRO A 119 -6.67 14.39 -1.46
CA PRO A 119 -7.52 13.31 -1.97
C PRO A 119 -7.66 12.11 -1.02
N LEU A 120 -6.83 12.04 0.03
CA LEU A 120 -6.85 10.93 0.96
C LEU A 120 -7.85 11.21 2.08
N THR A 121 -8.55 10.16 2.53
CA THR A 121 -9.38 10.23 3.72
C THR A 121 -8.48 10.04 4.94
N VAL A 122 -8.20 11.15 5.64
CA VAL A 122 -7.30 11.17 6.78
C VAL A 122 -8.09 10.87 8.05
N PHE A 123 -7.51 10.03 8.93
CA PHE A 123 -8.13 9.73 10.22
C PHE A 123 -7.63 10.73 11.26
N PHE A 124 -8.58 11.41 11.91
CA PHE A 124 -8.28 12.39 12.94
C PHE A 124 -8.78 11.88 14.28
N ASP A 125 -7.99 12.10 15.33
CA ASP A 125 -8.32 11.70 16.68
C ASP A 125 -8.60 12.94 17.52
N GLY A 126 -9.87 13.13 17.90
CA GLY A 126 -10.31 14.33 18.58
C GLY A 126 -9.75 14.44 20.00
N ARG A 127 -9.24 13.32 20.53
CA ARG A 127 -8.61 13.29 21.85
C ARG A 127 -7.28 14.05 21.80
N VAL A 128 -6.64 14.07 20.62
CA VAL A 128 -5.43 14.83 20.40
C VAL A 128 -5.81 16.29 20.14
N ASP A 129 -5.07 17.21 20.75
CA ASP A 129 -5.37 18.63 20.66
C ASP A 129 -5.17 19.12 19.23
N GLY A 130 -6.18 19.79 18.68
CA GLY A 130 -6.07 20.48 17.40
C GLY A 130 -6.66 19.69 16.23
N GLN A 131 -6.84 18.37 16.40
CA GLN A 131 -7.17 17.49 15.29
C GLN A 131 -8.64 17.62 14.89
N VAL A 132 -9.49 18.11 15.80
CA VAL A 132 -10.88 18.40 15.46
C VAL A 132 -10.91 19.53 14.43
N ASP A 133 -10.07 20.55 14.64
CA ASP A 133 -10.00 21.70 13.75
C ASP A 133 -9.39 21.31 12.41
N LEU A 134 -8.43 20.37 12.44
CA LEU A 134 -7.81 19.88 11.22
C LEU A 134 -8.84 19.14 10.37
N PHE A 135 -9.76 18.42 11.03
CA PHE A 135 -10.83 17.71 10.34
C PHE A 135 -11.77 18.70 9.66
N ARG A 136 -12.02 19.84 10.29
CA ARG A 136 -12.90 20.87 9.75
C ARG A 136 -12.30 21.45 8.47
N ASN A 137 -10.97 21.53 8.41
CA ASN A 137 -10.27 22.13 7.28
C ASN A 137 -9.97 21.09 6.20
N ALA A 138 -10.08 19.81 6.55
CA ALA A 138 -9.75 18.72 5.63
C ALA A 138 -10.86 18.52 4.61
N ARG A 139 -10.47 18.12 3.40
CA ARG A 139 -11.41 17.84 2.32
C ARG A 139 -12.02 16.45 2.53
N ASN A 140 -11.15 15.47 2.81
CA ASN A 140 -11.57 14.10 3.05
C ASN A 140 -11.01 13.64 4.40
N GLY A 141 -11.87 13.12 5.27
CA GLY A 141 -11.43 12.69 6.59
C GLY A 141 -12.48 11.93 7.38
N VAL A 142 -12.02 11.21 8.41
CA VAL A 142 -12.86 10.59 9.41
C VAL A 142 -12.37 11.04 10.79
N LEU A 143 -13.31 11.34 11.69
CA LEU A 143 -12.99 11.87 13.00
C LEU A 143 -13.66 11.01 14.08
N ILE A 144 -12.94 10.79 15.18
CA ILE A 144 -13.52 10.20 16.38
C ILE A 144 -13.36 11.21 17.53
N THR A 145 -14.36 11.24 18.42
CA THR A 145 -14.30 12.01 19.64
C THR A 145 -14.95 11.21 20.76
N GLU A 146 -14.73 11.66 22.01
CA GLU A 146 -15.35 11.07 23.18
C GLU A 146 -16.67 11.76 23.47
N GLY A 147 -16.78 13.05 23.09
CA GLY A 147 -17.96 13.86 23.39
C GLY A 147 -18.45 14.61 22.16
N SER A 148 -19.25 15.65 22.40
CA SER A 148 -19.92 16.40 21.34
C SER A 148 -18.91 17.30 20.62
N VAL A 149 -19.15 17.49 19.32
CA VAL A 149 -18.46 18.50 18.53
C VAL A 149 -19.49 19.54 18.10
N LYS A 150 -19.16 20.81 18.28
CA LYS A 150 -20.10 21.90 18.08
C LYS A 150 -20.40 22.03 16.58
N GLY A 151 -21.66 21.74 16.22
CA GLY A 151 -22.16 21.96 14.87
C GLY A 151 -22.06 20.72 13.98
N LEU A 152 -21.74 19.55 14.58
CA LEU A 152 -21.64 18.31 13.83
C LEU A 152 -22.53 17.25 14.49
N GLN A 153 -23.34 16.58 13.67
CA GLN A 153 -24.20 15.50 14.12
C GLN A 153 -23.37 14.22 14.22
N PRO A 154 -23.29 13.56 15.40
CA PRO A 154 -22.47 12.38 15.58
C PRO A 154 -23.14 11.08 15.16
N SER A 155 -22.31 10.08 14.88
CA SER A 155 -22.74 8.69 14.77
C SER A 155 -22.09 7.90 15.91
N VAL A 156 -22.92 7.26 16.75
CA VAL A 156 -22.44 6.49 17.87
C VAL A 156 -21.78 5.23 17.34
N GLY A 157 -20.48 5.08 17.62
CA GLY A 157 -19.70 3.95 17.12
C GLY A 157 -19.89 2.70 17.96
N PRO A 158 -19.08 1.64 17.73
CA PRO A 158 -19.13 0.44 18.57
C PRO A 158 -18.78 0.71 20.02
N LYS A 159 -19.24 -0.19 20.91
CA LYS A 159 -18.90 -0.11 22.32
C LYS A 159 -17.43 -0.44 22.53
N GLN A 160 -16.89 -1.33 21.69
CA GLN A 160 -15.54 -1.87 21.87
C GLN A 160 -14.55 -1.11 21.00
N ALA A 161 -13.30 -1.08 21.45
CA ALA A 161 -12.18 -0.54 20.68
C ALA A 161 -10.95 -1.41 20.95
N SER A 162 -9.89 -1.19 20.15
CA SER A 162 -8.67 -1.99 20.26
C SER A 162 -7.63 -1.24 21.07
N LEU A 163 -7.12 -1.90 22.14
CA LEU A 163 -6.05 -1.36 22.95
C LEU A 163 -4.89 -2.36 22.94
N ASN A 164 -3.82 -2.02 22.20
CA ASN A 164 -2.63 -2.83 22.10
C ASN A 164 -2.99 -4.24 21.62
N GLY A 165 -3.90 -4.32 20.64
CA GLY A 165 -4.28 -5.58 20.02
C GLY A 165 -5.39 -6.30 20.77
N VAL A 166 -5.81 -5.75 21.92
CA VAL A 166 -6.88 -6.34 22.71
C VAL A 166 -8.15 -5.55 22.47
N THR A 167 -9.14 -6.19 21.84
CA THR A 167 -10.47 -5.61 21.68
C THR A 167 -11.22 -5.78 22.99
N LEU A 168 -11.75 -4.68 23.52
CA LEU A 168 -12.42 -4.69 24.82
C LEU A 168 -13.41 -3.53 24.91
N ILE A 169 -14.41 -3.70 25.78
CA ILE A 169 -15.30 -2.63 26.19
C ILE A 169 -14.71 -2.01 27.45
N GLY A 170 -14.19 -0.79 27.33
CA GLY A 170 -13.37 -0.18 28.36
C GLY A 170 -14.19 0.21 29.59
N GLU A 171 -13.62 -0.06 30.77
CA GLU A 171 -14.20 0.33 32.05
C GLU A 171 -13.35 1.44 32.65
N ALA A 172 -12.03 1.21 32.71
CA ALA A 172 -11.08 2.17 33.23
C ALA A 172 -10.71 3.20 32.18
N VAL A 173 -11.09 2.95 30.92
CA VAL A 173 -10.83 3.86 29.82
C VAL A 173 -12.02 3.83 28.87
N LYS A 174 -12.19 4.90 28.09
CA LYS A 174 -13.34 5.06 27.20
C LYS A 174 -13.02 4.45 25.84
N THR A 175 -13.90 3.57 25.35
CA THR A 175 -13.69 2.88 24.08
C THR A 175 -14.82 3.19 23.08
N GLN A 176 -15.88 3.87 23.52
CA GLN A 176 -17.00 4.20 22.64
C GLN A 176 -16.80 5.62 22.11
N PHE A 177 -16.72 5.74 20.78
CA PHE A 177 -16.42 6.99 20.11
C PHE A 177 -17.63 7.46 19.31
N ASN A 178 -17.74 8.78 19.15
CA ASN A 178 -18.60 9.38 18.13
C ASN A 178 -17.82 9.43 16.82
N TYR A 179 -18.52 9.20 15.70
CA TYR A 179 -17.89 9.16 14.39
C TYR A 179 -18.42 10.29 13.50
N TYR A 180 -17.51 10.91 12.75
CA TYR A 180 -17.85 11.93 11.76
C TYR A 180 -17.04 11.64 10.51
N LYS A 181 -17.57 12.04 9.34
CA LYS A 181 -16.89 11.80 8.08
C LYS A 181 -17.18 12.95 7.10
N LYS A 182 -16.15 13.32 6.33
CA LYS A 182 -16.26 14.32 5.28
C LYS A 182 -15.78 13.74 3.95
N VAL A 183 -16.49 14.10 2.87
CA VAL A 183 -16.11 13.68 1.53
C VAL A 183 -16.21 14.91 0.62
N ASP A 184 -15.10 15.24 -0.05
CA ASP A 184 -15.03 16.38 -0.95
C ASP A 184 -15.42 17.66 -0.22
N GLY A 185 -15.00 17.78 1.04
CA GLY A 185 -15.20 18.99 1.83
C GLY A 185 -16.61 19.10 2.40
N VAL A 186 -17.41 18.03 2.28
CA VAL A 186 -18.79 18.03 2.72
C VAL A 186 -18.97 16.97 3.80
N VAL A 187 -19.55 17.39 4.93
CA VAL A 187 -19.84 16.48 6.04
C VAL A 187 -20.91 15.49 5.58
N GLN A 188 -20.64 14.20 5.79
CA GLN A 188 -21.55 13.14 5.41
C GLN A 188 -22.44 12.78 6.58
N GLN A 189 -23.62 12.23 6.28
CA GLN A 189 -24.46 11.57 7.27
C GLN A 189 -24.18 10.08 7.21
N LEU A 190 -23.54 9.54 8.26
CA LEU A 190 -23.20 8.14 8.30
C LEU A 190 -24.49 7.32 8.45
N PRO A 191 -24.61 6.16 7.75
CA PRO A 191 -25.85 5.39 7.75
C PRO A 191 -26.09 4.67 9.06
N GLU A 192 -27.36 4.35 9.34
CA GLU A 192 -27.72 3.45 10.41
C GLU A 192 -27.00 2.12 10.18
N THR A 193 -26.38 1.58 11.23
CA THR A 193 -25.57 0.38 11.10
C THR A 193 -25.71 -0.48 12.35
N TYR A 194 -25.69 -1.79 12.14
CA TYR A 194 -25.38 -2.74 13.20
C TYR A 194 -23.87 -2.74 13.40
N PHE A 195 -23.42 -3.37 14.49
CA PHE A 195 -21.99 -3.55 14.72
C PHE A 195 -21.72 -5.00 15.09
N THR A 196 -20.61 -5.54 14.57
CA THR A 196 -20.11 -6.84 15.00
C THR A 196 -19.49 -6.68 16.39
N GLN A 197 -19.43 -7.80 17.12
CA GLN A 197 -19.09 -7.77 18.54
C GLN A 197 -17.61 -8.06 18.77
N SER A 198 -16.91 -8.56 17.74
CA SER A 198 -15.46 -8.71 17.76
C SER A 198 -15.01 -9.62 18.90
N ARG A 199 -15.75 -10.72 19.10
CA ARG A 199 -15.40 -11.70 20.12
C ARG A 199 -14.61 -12.83 19.47
N ASN A 200 -14.01 -13.68 20.31
CA ASN A 200 -13.24 -14.82 19.84
C ASN A 200 -13.95 -16.10 20.28
N LEU A 201 -13.53 -17.22 19.67
CA LEU A 201 -14.24 -18.49 19.77
C LEU A 201 -14.08 -19.10 21.16
N GLN A 202 -12.90 -18.90 21.77
CA GLN A 202 -12.50 -19.65 22.95
C GLN A 202 -13.20 -19.08 24.19
N GLU A 203 -12.96 -17.80 24.49
CA GLU A 203 -13.58 -17.15 25.64
C GLU A 203 -14.71 -16.25 25.16
N PHE A 204 -15.74 -16.86 24.56
CA PHE A 204 -16.90 -16.14 24.07
C PHE A 204 -17.74 -15.70 25.25
N LYS A 205 -18.01 -14.39 25.35
CA LYS A 205 -18.80 -13.83 26.43
C LYS A 205 -20.16 -13.39 25.89
N PRO A 206 -21.29 -13.91 26.43
CA PRO A 206 -22.61 -13.45 26.01
C PRO A 206 -22.94 -12.05 26.53
N ARG A 207 -23.70 -11.28 25.74
CA ARG A 207 -23.97 -9.88 26.03
C ARG A 207 -25.47 -9.61 25.99
N SER A 208 -26.29 -10.66 26.18
CA SER A 208 -27.73 -10.51 26.29
C SER A 208 -28.31 -11.74 26.96
N GLN A 209 -29.57 -11.64 27.40
CA GLN A 209 -30.26 -12.76 28.03
C GLN A 209 -30.49 -13.86 26.99
N MET A 210 -30.76 -13.45 25.74
CA MET A 210 -30.96 -14.37 24.64
C MET A 210 -29.68 -15.19 24.42
N GLU A 211 -28.52 -14.53 24.45
CA GLU A 211 -27.25 -15.19 24.22
C GLU A 211 -26.90 -16.12 25.38
N ILE A 212 -27.27 -15.73 26.60
CA ILE A 212 -27.07 -16.58 27.77
C ILE A 212 -27.91 -17.84 27.62
N ASP A 213 -29.17 -17.67 27.16
CA ASP A 213 -30.08 -18.78 26.98
C ASP A 213 -29.56 -19.71 25.89
N PHE A 214 -29.06 -19.13 24.79
CA PHE A 214 -28.57 -19.91 23.65
C PHE A 214 -27.45 -20.85 24.10
N LEU A 215 -26.51 -20.33 24.90
CA LEU A 215 -25.36 -21.09 25.33
C LEU A 215 -25.76 -22.15 26.37
N GLU A 216 -26.74 -21.81 27.23
CA GLU A 216 -27.13 -22.69 28.33
C GLU A 216 -28.12 -23.74 27.84
N LEU A 217 -29.18 -23.31 27.16
CA LEU A 217 -30.28 -24.19 26.77
C LEU A 217 -29.85 -25.10 25.62
N ALA A 218 -30.65 -26.14 25.39
CA ALA A 218 -30.52 -26.99 24.21
C ALA A 218 -31.19 -26.32 23.02
N MET A 219 -30.99 -26.88 21.83
CA MET A 219 -31.42 -26.27 20.58
C MET A 219 -32.93 -26.04 20.59
N ASP A 220 -33.69 -27.12 20.78
CA ASP A 220 -35.14 -27.09 20.64
C ASP A 220 -35.77 -26.23 21.74
N GLU A 221 -35.16 -26.26 22.94
CA GLU A 221 -35.64 -25.47 24.07
C GLU A 221 -35.53 -23.98 23.75
N PHE A 222 -34.42 -23.58 23.14
CA PHE A 222 -34.16 -22.18 22.82
C PHE A 222 -35.10 -21.72 21.72
N ILE A 223 -35.18 -22.50 20.63
CA ILE A 223 -35.98 -22.14 19.46
C ILE A 223 -37.44 -21.96 19.88
N GLU A 224 -37.90 -22.78 20.83
CA GLU A 224 -39.27 -22.70 21.32
C GLU A 224 -39.49 -21.40 22.09
N ARG A 225 -38.54 -21.05 22.97
CA ARG A 225 -38.70 -19.93 23.88
C ARG A 225 -38.83 -18.62 23.11
N TYR A 226 -38.08 -18.48 22.01
CA TYR A 226 -38.02 -17.24 21.27
C TYR A 226 -38.83 -17.33 19.97
N LYS A 227 -39.61 -18.41 19.82
CA LYS A 227 -40.53 -18.56 18.71
C LYS A 227 -39.77 -18.36 17.39
N LEU A 228 -38.76 -19.21 17.17
CA LEU A 228 -37.90 -19.11 16.00
C LEU A 228 -38.18 -20.27 15.04
N GLU A 229 -39.40 -20.83 15.09
CA GLU A 229 -39.79 -21.88 14.18
C GLU A 229 -39.95 -21.30 12.77
N GLY A 230 -39.31 -21.95 11.79
CA GLY A 230 -39.45 -21.57 10.39
C GLY A 230 -38.34 -20.62 9.93
N TYR A 231 -37.43 -20.26 10.85
CA TYR A 231 -36.32 -19.37 10.53
C TYR A 231 -35.03 -20.17 10.38
N ALA A 232 -35.11 -21.49 10.55
CA ALA A 232 -34.02 -22.41 10.23
C ALA A 232 -32.76 -22.06 11.00
N PHE A 233 -32.88 -21.90 12.32
CA PHE A 233 -31.73 -21.68 13.19
C PHE A 233 -30.93 -22.98 13.31
N GLU A 234 -31.64 -24.12 13.25
CA GLU A 234 -31.00 -25.43 13.30
C GLU A 234 -29.83 -25.48 12.32
N HIS A 235 -30.06 -24.97 11.11
CA HIS A 235 -29.07 -24.97 10.06
C HIS A 235 -28.11 -23.79 10.24
N ILE A 236 -28.67 -22.57 10.27
CA ILE A 236 -27.90 -21.35 10.11
C ILE A 236 -26.96 -21.15 11.29
N VAL A 237 -27.49 -21.28 12.51
CA VAL A 237 -26.78 -20.90 13.71
C VAL A 237 -26.09 -22.12 14.34
N TYR A 238 -26.88 -23.19 14.56
CA TYR A 238 -26.38 -24.37 15.27
C TYR A 238 -25.46 -25.17 14.36
N GLY A 239 -25.76 -25.21 13.06
CA GLY A 239 -24.93 -25.90 12.09
C GLY A 239 -25.37 -27.35 11.91
N ASP A 240 -25.20 -27.86 10.68
CA ASP A 240 -25.56 -29.22 10.34
C ASP A 240 -24.29 -30.00 10.01
N PHE A 241 -24.05 -31.10 10.75
CA PHE A 241 -22.81 -31.85 10.66
C PHE A 241 -23.10 -33.28 10.21
N SER A 242 -24.22 -33.48 9.51
CA SER A 242 -24.70 -34.81 9.15
C SER A 242 -24.05 -35.29 7.85
N HIS A 243 -23.76 -34.34 6.94
CA HIS A 243 -23.22 -34.66 5.63
C HIS A 243 -21.74 -34.29 5.55
N SER A 244 -21.06 -34.78 4.51
CA SER A 244 -19.64 -34.52 4.29
C SER A 244 -19.40 -33.01 4.17
N GLN A 245 -20.31 -32.32 3.49
CA GLN A 245 -20.27 -30.86 3.41
C GLN A 245 -21.04 -30.28 4.60
N LEU A 246 -20.35 -29.48 5.42
CA LEU A 246 -20.92 -28.89 6.61
C LEU A 246 -21.93 -27.83 6.20
N GLY A 247 -23.11 -27.86 6.83
CA GLY A 247 -24.20 -26.96 6.51
C GLY A 247 -24.33 -25.83 7.53
N GLY A 248 -24.43 -24.60 7.03
CA GLY A 248 -24.74 -23.45 7.85
C GLY A 248 -23.58 -23.04 8.76
N LEU A 249 -23.91 -22.75 10.03
CA LEU A 249 -22.93 -22.36 11.04
C LEU A 249 -22.30 -21.02 10.67
N HIS A 250 -23.12 -19.96 10.68
CA HIS A 250 -22.71 -18.66 10.17
C HIS A 250 -22.60 -17.61 11.27
N LEU A 251 -23.04 -17.94 12.49
CA LEU A 251 -22.94 -17.03 13.63
C LEU A 251 -21.86 -17.53 14.58
N LEU A 252 -21.02 -16.62 15.06
CA LEU A 252 -19.87 -16.96 15.90
C LEU A 252 -20.34 -17.66 17.17
N ILE A 253 -21.46 -17.19 17.74
CA ILE A 253 -21.99 -17.76 18.97
C ILE A 253 -22.28 -19.24 18.76
N GLY A 254 -22.74 -19.60 17.55
CA GLY A 254 -23.01 -20.99 17.20
C GLY A 254 -21.74 -21.84 17.22
N LEU A 255 -20.63 -21.27 16.73
CA LEU A 255 -19.35 -21.96 16.74
C LEU A 255 -18.88 -22.14 18.18
N ALA A 256 -19.06 -21.09 19.00
CA ALA A 256 -18.61 -21.09 20.38
C ALA A 256 -19.33 -22.18 21.18
N LYS A 257 -20.61 -22.39 20.89
CA LYS A 257 -21.42 -23.39 21.58
C LYS A 257 -20.86 -24.78 21.31
N ARG A 258 -20.51 -25.06 20.05
CA ARG A 258 -20.06 -26.39 19.65
C ARG A 258 -18.62 -26.61 20.09
N PHE A 259 -17.79 -25.56 20.00
CA PHE A 259 -16.38 -25.66 20.38
C PHE A 259 -16.27 -26.03 21.86
N LYS A 260 -17.27 -25.59 22.65
CA LYS A 260 -17.34 -25.89 24.07
C LYS A 260 -17.38 -27.40 24.28
N GLU A 261 -18.21 -28.09 23.48
CA GLU A 261 -18.48 -29.51 23.66
C GLU A 261 -17.65 -30.36 22.71
N SER A 262 -17.31 -29.82 21.52
CA SER A 262 -16.67 -30.58 20.47
C SER A 262 -15.74 -29.70 19.65
N PRO A 263 -14.40 -29.77 19.87
CA PRO A 263 -13.46 -28.94 19.13
C PRO A 263 -13.44 -29.19 17.62
N PHE A 264 -13.00 -28.18 16.86
CA PHE A 264 -12.89 -28.28 15.42
C PHE A 264 -11.80 -27.32 14.93
N GLU A 265 -11.42 -27.46 13.65
CA GLU A 265 -10.35 -26.71 13.05
C GLU A 265 -10.93 -25.54 12.25
N LEU A 266 -10.34 -24.34 12.42
CA LEU A 266 -10.68 -23.17 11.63
C LEU A 266 -9.41 -22.68 10.92
N GLU A 267 -9.41 -22.74 9.58
CA GLU A 267 -8.32 -22.20 8.79
C GLU A 267 -8.68 -20.79 8.33
N ASP A 268 -7.94 -19.81 8.85
CA ASP A 268 -8.15 -18.40 8.54
C ASP A 268 -7.28 -18.04 7.34
N PHE A 269 -7.77 -18.33 6.13
CA PHE A 269 -6.94 -18.33 4.93
C PHE A 269 -6.79 -16.92 4.38
N ILE A 270 -7.54 -15.95 4.92
CA ILE A 270 -7.27 -14.54 4.70
C ILE A 270 -7.13 -13.87 6.05
N PRO A 271 -5.94 -13.93 6.69
CA PRO A 271 -5.75 -13.38 8.04
C PRO A 271 -5.68 -11.86 8.07
N MET A 272 -6.87 -11.23 8.14
CA MET A 272 -6.97 -9.78 8.27
C MET A 272 -8.21 -9.46 9.10
N ASP A 273 -8.36 -8.17 9.45
CA ASP A 273 -9.53 -7.70 10.16
C ASP A 273 -10.61 -7.36 9.12
N SER A 274 -11.78 -8.00 9.25
CA SER A 274 -12.89 -7.74 8.36
C SER A 274 -14.21 -8.01 9.08
N THR A 275 -15.26 -7.28 8.66
CA THR A 275 -16.55 -7.29 9.32
C THR A 275 -17.09 -8.72 9.40
N VAL A 276 -16.85 -9.51 8.36
CA VAL A 276 -17.23 -10.91 8.34
C VAL A 276 -16.04 -11.72 7.82
N LYS A 277 -15.93 -12.98 8.27
CA LYS A 277 -14.74 -13.79 8.06
C LYS A 277 -15.10 -15.07 7.31
N ASN A 278 -14.18 -15.53 6.45
CA ASN A 278 -14.29 -16.81 5.77
C ASN A 278 -13.29 -17.78 6.38
N TYR A 279 -13.77 -18.98 6.73
CA TYR A 279 -12.93 -20.02 7.31
C TYR A 279 -13.14 -21.33 6.57
N PHE A 280 -12.04 -22.09 6.41
CA PHE A 280 -12.11 -23.49 6.05
C PHE A 280 -12.23 -24.29 7.34
N ILE A 281 -13.42 -24.83 7.59
CA ILE A 281 -13.69 -25.55 8.82
C ILE A 281 -13.61 -27.05 8.55
N THR A 282 -13.06 -27.80 9.52
CA THR A 282 -13.13 -29.24 9.55
C THR A 282 -13.55 -29.67 10.95
N ASP A 283 -14.69 -30.35 11.05
CA ASP A 283 -15.20 -30.82 12.33
C ASP A 283 -14.49 -32.12 12.70
N ALA A 284 -13.78 -32.10 13.83
CA ALA A 284 -12.93 -33.20 14.24
C ALA A 284 -13.76 -34.45 14.58
N GLN A 285 -14.95 -34.23 15.16
CA GLN A 285 -15.78 -35.32 15.64
C GLN A 285 -16.41 -36.08 14.47
N THR A 286 -17.02 -35.35 13.54
CA THR A 286 -17.85 -35.95 12.51
C THR A 286 -17.05 -36.15 11.21
N GLY A 287 -16.15 -35.21 10.91
CA GLY A 287 -15.44 -35.19 9.64
C GLY A 287 -16.17 -34.33 8.61
N SER A 288 -17.25 -33.66 9.04
CA SER A 288 -17.95 -32.71 8.20
C SER A 288 -17.08 -31.46 8.04
N SER A 289 -16.97 -30.96 6.79
CA SER A 289 -16.09 -29.85 6.48
C SER A 289 -16.67 -29.01 5.34
N LYS A 290 -16.13 -27.81 5.17
CA LYS A 290 -16.52 -26.91 4.10
C LYS A 290 -15.43 -25.86 3.90
N CYS A 291 -15.11 -25.59 2.63
CA CYS A 291 -13.95 -24.81 2.26
C CYS A 291 -14.14 -23.33 2.60
N VAL A 292 -15.34 -22.80 2.32
CA VAL A 292 -15.64 -21.40 2.57
C VAL A 292 -16.86 -21.32 3.48
N CYS A 293 -16.62 -21.10 4.77
N CYS A 293 -16.61 -21.07 4.77
CA CYS A 293 -17.68 -20.91 5.75
CA CYS A 293 -17.66 -20.90 5.76
C CYS A 293 -17.68 -19.46 6.23
C CYS A 293 -17.66 -19.44 6.23
N SER A 294 -18.67 -18.68 5.77
CA SER A 294 -18.81 -17.28 6.15
C SER A 294 -19.32 -17.20 7.59
N VAL A 295 -18.59 -16.47 8.44
CA VAL A 295 -18.92 -16.35 9.85
C VAL A 295 -18.89 -14.87 10.24
N ILE A 296 -19.96 -14.43 10.90
CA ILE A 296 -20.07 -13.06 11.39
C ILE A 296 -20.46 -13.11 12.86
N ASP A 297 -19.89 -12.21 13.67
CA ASP A 297 -20.20 -12.12 15.08
C ASP A 297 -21.16 -10.95 15.31
N LEU A 298 -22.45 -11.20 15.07
CA LEU A 298 -23.51 -10.28 15.44
C LEU A 298 -24.05 -10.70 16.80
N LEU A 299 -24.48 -9.72 17.59
CA LEU A 299 -25.33 -9.98 18.75
C LEU A 299 -26.54 -10.75 18.25
N LEU A 300 -26.85 -11.88 18.91
CA LEU A 300 -27.87 -12.80 18.42
C LEU A 300 -29.21 -12.07 18.29
N ASP A 301 -29.46 -11.11 19.19
CA ASP A 301 -30.66 -10.30 19.16
C ASP A 301 -30.74 -9.51 17.85
N ASP A 302 -29.61 -8.96 17.42
CA ASP A 302 -29.53 -8.21 16.18
C ASP A 302 -29.79 -9.12 14.98
N PHE A 303 -29.23 -10.33 15.02
CA PHE A 303 -29.39 -11.28 13.93
C PHE A 303 -30.85 -11.71 13.82
N VAL A 304 -31.50 -11.92 14.98
CA VAL A 304 -32.91 -12.28 15.02
C VAL A 304 -33.75 -11.17 14.39
N GLU A 305 -33.41 -9.91 14.71
CA GLU A 305 -34.13 -8.76 14.19
C GLU A 305 -34.02 -8.73 12.66
N ILE A 306 -32.82 -9.00 12.14
CA ILE A 306 -32.56 -8.90 10.71
C ILE A 306 -33.37 -9.95 9.96
N ILE A 307 -33.31 -11.20 10.41
CA ILE A 307 -33.92 -12.31 9.68
C ILE A 307 -35.45 -12.22 9.78
N LYS A 308 -35.95 -11.65 10.89
CA LYS A 308 -37.39 -11.49 11.09
C LYS A 308 -37.92 -10.29 10.31
N SER A 309 -37.01 -9.46 9.77
CA SER A 309 -37.40 -8.24 9.07
C SER A 309 -37.30 -8.41 7.54
N GLN A 310 -37.32 -9.67 7.08
CA GLN A 310 -37.20 -9.96 5.65
C GLN A 310 -38.50 -10.60 5.14
N ASP A 311 -38.77 -10.39 3.86
CA ASP A 311 -39.85 -11.07 3.16
C ASP A 311 -39.36 -12.47 2.76
N LEU A 312 -40.23 -13.47 2.92
CA LEU A 312 -39.85 -14.87 2.75
C LEU A 312 -40.67 -15.51 1.63
N SER A 313 -40.92 -14.75 0.56
CA SER A 313 -41.87 -15.15 -0.47
C SER A 313 -41.16 -15.67 -1.72
N VAL A 314 -39.83 -15.52 -1.80
CA VAL A 314 -39.08 -15.88 -3.00
C VAL A 314 -38.07 -16.97 -2.66
N VAL A 315 -37.61 -17.68 -3.71
CA VAL A 315 -36.73 -18.82 -3.55
C VAL A 315 -35.35 -18.35 -3.09
N SER A 316 -34.80 -17.34 -3.78
CA SER A 316 -33.48 -16.81 -3.46
C SER A 316 -33.39 -15.34 -3.83
N LYS A 317 -32.70 -14.56 -2.98
CA LYS A 317 -32.41 -13.17 -3.27
C LYS A 317 -31.29 -12.66 -2.37
N VAL A 318 -30.70 -11.53 -2.76
CA VAL A 318 -29.66 -10.87 -1.99
C VAL A 318 -30.32 -9.94 -0.97
N VAL A 319 -29.82 -9.97 0.27
CA VAL A 319 -30.26 -9.09 1.33
C VAL A 319 -29.08 -8.24 1.77
N LYS A 320 -29.25 -6.90 1.70
CA LYS A 320 -28.21 -5.95 2.07
C LYS A 320 -28.43 -5.49 3.50
N VAL A 321 -27.37 -5.56 4.32
CA VAL A 321 -27.43 -5.11 5.71
C VAL A 321 -26.20 -4.25 5.98
N THR A 322 -26.43 -3.04 6.52
CA THR A 322 -25.35 -2.16 6.91
C THR A 322 -24.79 -2.64 8.25
N ILE A 323 -23.54 -3.13 8.23
CA ILE A 323 -22.84 -3.59 9.42
C ILE A 323 -21.45 -2.97 9.41
N ASP A 324 -21.05 -2.36 10.54
CA ASP A 324 -19.75 -1.72 10.68
C ASP A 324 -19.58 -0.64 9.60
N TYR A 325 -20.70 -0.01 9.22
CA TYR A 325 -20.73 1.11 8.27
C TYR A 325 -20.52 0.64 6.82
N THR A 326 -20.50 -0.67 6.57
CA THR A 326 -20.37 -1.17 5.21
C THR A 326 -21.56 -2.05 4.86
N GLU A 327 -21.85 -2.19 3.56
CA GLU A 327 -22.96 -2.98 3.07
C GLU A 327 -22.53 -4.43 2.95
N ILE A 328 -23.06 -5.29 3.83
CA ILE A 328 -22.82 -6.71 3.79
C ILE A 328 -23.98 -7.39 3.05
N SER A 329 -23.65 -8.19 2.03
CA SER A 329 -24.64 -8.93 1.28
C SER A 329 -24.87 -10.29 1.93
N PHE A 330 -26.15 -10.62 2.18
CA PHE A 330 -26.56 -11.92 2.64
C PHE A 330 -27.38 -12.60 1.53
N MET A 331 -27.25 -13.92 1.42
CA MET A 331 -28.13 -14.71 0.56
C MET A 331 -29.25 -15.29 1.43
N LEU A 332 -30.49 -15.06 1.00
CA LEU A 332 -31.68 -15.57 1.68
C LEU A 332 -32.37 -16.59 0.79
N TRP A 333 -32.41 -17.85 1.25
CA TRP A 333 -33.14 -18.90 0.57
C TRP A 333 -34.36 -19.29 1.38
N CYS A 334 -35.53 -19.35 0.72
CA CYS A 334 -36.79 -19.68 1.38
C CYS A 334 -37.54 -20.73 0.59
N LYS A 335 -38.49 -21.41 1.27
CA LYS A 335 -39.35 -22.40 0.66
C LYS A 335 -40.67 -22.44 1.41
N ASP A 336 -41.75 -22.04 0.70
CA ASP A 336 -43.11 -22.11 1.21
C ASP A 336 -43.23 -21.28 2.49
N GLY A 337 -42.65 -20.07 2.49
CA GLY A 337 -42.83 -19.12 3.56
C GLY A 337 -41.88 -19.35 4.73
N HIS A 338 -40.99 -20.35 4.62
CA HIS A 338 -40.01 -20.65 5.64
C HIS A 338 -38.61 -20.35 5.11
N VAL A 339 -37.72 -19.95 6.02
CA VAL A 339 -36.31 -19.79 5.68
C VAL A 339 -35.71 -21.19 5.48
N GLU A 340 -34.84 -21.31 4.47
CA GLU A 340 -34.02 -22.50 4.29
C GLU A 340 -32.62 -22.20 4.82
N THR A 341 -32.04 -21.08 4.37
CA THR A 341 -30.81 -20.58 4.95
C THR A 341 -30.72 -19.06 4.73
N PHE A 342 -29.88 -18.43 5.56
CA PHE A 342 -29.61 -17.00 5.49
C PHE A 342 -28.17 -16.78 5.96
N TYR A 343 -27.28 -16.43 5.03
CA TYR A 343 -25.86 -16.40 5.31
C TYR A 343 -25.18 -15.26 4.57
N PRO A 344 -24.10 -14.67 5.13
CA PRO A 344 -23.35 -13.63 4.44
C PRO A 344 -22.52 -14.15 3.27
N LYS A 345 -22.48 -13.38 2.18
CA LYS A 345 -21.75 -13.72 0.97
C LYS A 345 -20.71 -12.64 0.71
N LEU A 346 -19.43 -13.04 0.63
CA LEU A 346 -18.33 -12.10 0.60
C LEU A 346 -17.62 -12.16 -0.76
N MET B 1 -2.92 -10.18 -15.60
CA MET B 1 -1.71 -10.40 -14.75
C MET B 1 -1.42 -11.89 -14.65
N SER B 2 -0.13 -12.25 -14.82
CA SER B 2 0.33 -13.62 -14.71
C SER B 2 1.86 -13.65 -14.74
N LEU B 3 2.45 -14.14 -13.64
CA LEU B 3 3.90 -14.30 -13.53
C LEU B 3 4.41 -15.16 -14.68
N GLU B 4 3.72 -16.28 -14.94
CA GLU B 4 4.15 -17.26 -15.93
C GLU B 4 4.05 -16.67 -17.33
N ASN B 5 3.08 -15.76 -17.54
CA ASN B 5 2.89 -15.12 -18.83
C ASN B 5 3.99 -14.10 -19.08
N VAL B 6 4.37 -13.34 -18.04
CA VAL B 6 5.46 -12.39 -18.13
C VAL B 6 6.74 -13.14 -18.51
N ALA B 7 6.98 -14.26 -17.83
CA ALA B 7 8.15 -15.10 -18.09
C ALA B 7 8.15 -15.60 -19.53
N PHE B 8 6.99 -16.02 -20.02
CA PHE B 8 6.86 -16.52 -21.39
C PHE B 8 7.32 -15.46 -22.37
N ASN B 9 6.85 -14.22 -22.17
CA ASN B 9 7.20 -13.11 -23.04
C ASN B 9 8.70 -12.85 -22.99
N VAL B 10 9.28 -12.84 -21.78
CA VAL B 10 10.70 -12.58 -21.60
C VAL B 10 11.52 -13.66 -22.31
N VAL B 11 11.10 -14.92 -22.16
CA VAL B 11 11.82 -16.05 -22.73
C VAL B 11 11.78 -15.98 -24.26
N ASN B 12 10.62 -15.61 -24.82
CA ASN B 12 10.39 -15.74 -26.25
C ASN B 12 10.65 -14.42 -26.98
N LYS B 13 10.47 -13.28 -26.29
CA LYS B 13 10.58 -11.98 -26.93
C LYS B 13 11.69 -11.12 -26.32
N GLY B 14 12.16 -11.46 -25.11
CA GLY B 14 13.18 -10.67 -24.43
C GLY B 14 12.58 -9.57 -23.56
N HIS B 15 11.27 -9.33 -23.72
CA HIS B 15 10.54 -8.37 -22.92
C HIS B 15 9.05 -8.68 -23.03
N PHE B 16 8.22 -7.93 -22.29
CA PHE B 16 6.77 -8.13 -22.35
C PHE B 16 6.25 -7.51 -23.63
N ASP B 17 5.53 -8.32 -24.43
CA ASP B 17 4.98 -7.88 -25.70
C ASP B 17 3.52 -8.34 -25.82
N GLY B 18 2.88 -8.66 -24.68
CA GLY B 18 1.47 -8.98 -24.64
C GLY B 18 1.12 -10.24 -25.43
N GLN B 19 2.05 -11.20 -25.49
CA GLN B 19 1.82 -12.46 -26.17
C GLN B 19 1.22 -13.47 -25.19
N GLN B 20 0.32 -14.32 -25.70
CA GLN B 20 -0.26 -15.40 -24.91
C GLN B 20 0.77 -16.52 -24.77
N GLY B 21 0.71 -17.23 -23.64
CA GLY B 21 1.61 -18.34 -23.36
C GLY B 21 2.08 -18.33 -21.91
N GLU B 22 2.51 -19.50 -21.42
CA GLU B 22 3.03 -19.63 -20.07
C GLU B 22 4.28 -20.51 -20.09
N VAL B 23 5.21 -20.22 -19.17
CA VAL B 23 6.34 -21.09 -18.90
C VAL B 23 6.39 -21.34 -17.40
N PRO B 24 6.90 -22.51 -16.95
CA PRO B 24 7.07 -22.76 -15.52
C PRO B 24 8.12 -21.85 -14.90
N VAL B 25 7.86 -21.37 -13.68
CA VAL B 25 8.71 -20.38 -13.03
C VAL B 25 8.99 -20.83 -11.60
N SER B 26 10.22 -20.54 -11.13
CA SER B 26 10.61 -20.74 -9.75
C SER B 26 11.16 -19.42 -9.18
N ILE B 27 10.72 -19.08 -7.96
CA ILE B 27 11.22 -17.90 -7.27
C ILE B 27 12.03 -18.36 -6.06
N ILE B 28 13.30 -17.96 -5.99
N ILE B 28 13.28 -17.89 -5.99
CA ILE B 28 14.14 -18.27 -4.84
CA ILE B 28 14.15 -18.09 -4.84
C ILE B 28 14.87 -17.00 -4.43
C ILE B 28 15.35 -17.16 -4.97
N ASN B 29 14.64 -16.56 -3.18
N ASN B 29 15.85 -16.67 -3.83
CA ASN B 29 15.12 -15.29 -2.68
CA ASN B 29 17.09 -15.91 -3.77
C ASN B 29 14.66 -14.19 -3.63
C ASN B 29 16.93 -14.56 -4.45
N ASN B 30 15.61 -13.54 -4.31
N ASN B 30 15.73 -13.99 -4.37
CA ASN B 30 15.31 -12.40 -5.17
CA ASN B 30 15.43 -12.71 -4.99
C ASN B 30 15.66 -12.73 -6.63
C ASN B 30 15.70 -12.79 -6.49
N THR B 31 15.44 -13.98 -7.05
CA THR B 31 15.77 -14.34 -8.42
C THR B 31 14.59 -15.10 -9.04
N VAL B 32 14.37 -14.86 -10.34
CA VAL B 32 13.34 -15.55 -11.11
C VAL B 32 14.04 -16.57 -12.01
N TYR B 33 13.57 -17.83 -11.93
CA TYR B 33 14.08 -18.90 -12.79
C TYR B 33 12.93 -19.45 -13.62
N THR B 34 13.27 -19.99 -14.81
CA THR B 34 12.32 -20.75 -15.61
C THR B 34 12.98 -22.07 -16.01
N LYS B 35 12.15 -23.11 -16.16
CA LYS B 35 12.64 -24.44 -16.50
C LYS B 35 12.77 -24.54 -18.02
N VAL B 36 14.01 -24.84 -18.48
CA VAL B 36 14.29 -25.07 -19.89
C VAL B 36 15.00 -26.42 -20.00
N ASP B 37 14.29 -27.41 -20.59
CA ASP B 37 14.81 -28.76 -20.76
C ASP B 37 15.13 -29.38 -19.41
N GLY B 38 14.30 -29.08 -18.40
CA GLY B 38 14.37 -29.73 -17.11
C GLY B 38 15.45 -29.15 -16.19
N VAL B 39 16.01 -27.99 -16.55
CA VAL B 39 16.96 -27.30 -15.70
C VAL B 39 16.52 -25.84 -15.55
N ASP B 40 16.84 -25.26 -14.39
CA ASP B 40 16.44 -23.90 -14.06
C ASP B 40 17.45 -22.92 -14.65
N VAL B 41 16.93 -21.91 -15.36
CA VAL B 41 17.75 -20.86 -15.96
C VAL B 41 17.29 -19.52 -15.40
N GLU B 42 18.27 -18.71 -14.96
CA GLU B 42 17.99 -17.41 -14.35
C GLU B 42 17.49 -16.44 -15.41
N LEU B 43 16.31 -15.84 -15.15
CA LEU B 43 15.75 -14.83 -16.04
C LEU B 43 15.99 -13.43 -15.48
N PHE B 44 15.94 -13.27 -14.15
CA PHE B 44 15.98 -11.95 -13.55
C PHE B 44 16.45 -12.04 -12.10
N GLU B 45 17.46 -11.24 -11.77
CA GLU B 45 17.87 -10.99 -10.38
C GLU B 45 17.37 -9.61 -9.98
N ASN B 46 16.65 -9.57 -8.84
CA ASN B 46 16.05 -8.34 -8.34
C ASN B 46 17.08 -7.56 -7.55
N LYS B 47 17.38 -6.33 -8.00
CA LYS B 47 18.26 -5.42 -7.29
C LYS B 47 17.48 -4.20 -6.80
N THR B 48 16.14 -4.30 -6.80
CA THR B 48 15.29 -3.20 -6.39
C THR B 48 14.83 -3.46 -4.95
N THR B 49 14.11 -2.48 -4.39
CA THR B 49 13.52 -2.60 -3.06
C THR B 49 12.09 -3.11 -3.16
N LEU B 50 11.64 -3.44 -4.38
CA LEU B 50 10.32 -4.03 -4.60
C LEU B 50 10.40 -5.54 -4.44
N PRO B 51 9.25 -6.22 -4.24
CA PRO B 51 9.19 -7.68 -4.32
C PRO B 51 9.68 -8.23 -5.66
N VAL B 52 10.34 -9.39 -5.60
CA VAL B 52 11.04 -9.97 -6.74
C VAL B 52 10.11 -10.08 -7.96
N ASN B 53 8.89 -10.58 -7.75
CA ASN B 53 7.99 -10.88 -8.86
C ASN B 53 7.43 -9.58 -9.45
N VAL B 54 7.32 -8.55 -8.60
CA VAL B 54 6.80 -7.25 -9.01
C VAL B 54 7.86 -6.53 -9.85
N ALA B 55 9.09 -6.49 -9.33
CA ALA B 55 10.22 -5.87 -10.02
C ALA B 55 10.42 -6.53 -11.39
N PHE B 56 10.30 -7.86 -11.44
CA PHE B 56 10.44 -8.62 -12.66
C PHE B 56 9.43 -8.13 -13.71
N GLU B 57 8.19 -7.88 -13.28
CA GLU B 57 7.12 -7.50 -14.18
C GLU B 57 7.36 -6.08 -14.71
N LEU B 58 7.76 -5.17 -13.82
CA LEU B 58 8.02 -3.79 -14.21
C LEU B 58 9.19 -3.75 -15.20
N TRP B 59 10.24 -4.52 -14.90
CA TRP B 59 11.39 -4.64 -15.78
C TRP B 59 10.96 -5.16 -17.15
N ALA B 60 10.11 -6.18 -17.17
CA ALA B 60 9.64 -6.80 -18.40
C ALA B 60 8.84 -5.80 -19.24
N LYS B 61 8.11 -4.90 -18.56
CA LYS B 61 7.25 -3.92 -19.23
C LYS B 61 7.93 -2.56 -19.33
N ARG B 62 9.27 -2.55 -19.30
CA ARG B 62 10.03 -1.32 -19.42
C ARG B 62 9.90 -0.75 -20.83
N ASN B 63 10.04 0.56 -20.96
CA ASN B 63 9.98 1.24 -22.24
C ASN B 63 11.26 0.93 -23.00
N ILE B 64 11.13 0.35 -24.21
CA ILE B 64 12.27 -0.06 -25.00
C ILE B 64 12.45 0.87 -26.20
N LYS B 65 11.78 2.03 -26.17
CA LYS B 65 12.01 3.08 -27.15
C LYS B 65 12.90 4.14 -26.52
N PRO B 66 13.49 5.07 -27.32
CA PRO B 66 14.24 6.18 -26.74
C PRO B 66 13.39 7.01 -25.77
N VAL B 67 13.88 7.17 -24.54
CA VAL B 67 13.16 7.89 -23.50
C VAL B 67 14.11 8.91 -22.86
N PRO B 68 13.57 9.98 -22.25
CA PRO B 68 14.40 10.91 -21.47
C PRO B 68 15.26 10.22 -20.42
N GLU B 69 16.48 10.72 -20.23
CA GLU B 69 17.33 10.26 -19.15
C GLU B 69 16.67 10.62 -17.81
N VAL B 70 16.84 9.75 -16.82
CA VAL B 70 16.13 9.84 -15.55
C VAL B 70 16.42 11.18 -14.88
N LYS B 71 17.67 11.68 -15.03
CA LYS B 71 18.08 12.93 -14.42
C LYS B 71 17.21 14.08 -14.92
N ILE B 72 16.82 14.04 -16.20
CA ILE B 72 15.97 15.07 -16.77
C ILE B 72 14.59 15.03 -16.11
N LEU B 73 14.04 13.82 -15.97
CA LEU B 73 12.70 13.63 -15.43
C LEU B 73 12.68 14.00 -13.95
N ASN B 74 13.74 13.64 -13.23
CA ASN B 74 13.88 13.98 -11.82
C ASN B 74 13.92 15.49 -11.64
N ASN B 75 14.71 16.17 -12.49
CA ASN B 75 14.90 17.61 -12.39
C ASN B 75 13.59 18.35 -12.68
N LEU B 76 12.75 17.77 -13.54
CA LEU B 76 11.46 18.37 -13.90
C LEU B 76 10.39 17.98 -12.89
N GLY B 77 10.73 17.08 -11.95
CA GLY B 77 9.88 16.77 -10.82
C GLY B 77 8.83 15.71 -11.16
N VAL B 78 9.17 14.80 -12.08
CA VAL B 78 8.26 13.74 -12.49
C VAL B 78 8.16 12.72 -11.35
N ASP B 79 6.91 12.34 -11.04
CA ASP B 79 6.62 11.44 -9.93
C ASP B 79 6.28 10.04 -10.44
N ILE B 80 5.70 9.96 -11.65
CA ILE B 80 5.07 8.74 -12.12
C ILE B 80 4.90 8.84 -13.64
N ALA B 81 4.81 7.68 -14.30
CA ALA B 81 4.66 7.61 -15.75
C ALA B 81 3.26 7.11 -16.12
N ALA B 82 2.72 7.63 -17.23
CA ALA B 82 1.42 7.22 -17.73
C ALA B 82 1.57 6.00 -18.65
N ASN B 83 1.16 4.84 -18.15
CA ASN B 83 0.99 3.63 -18.94
C ASN B 83 2.32 3.20 -19.56
N THR B 84 3.40 3.34 -18.79
CA THR B 84 4.71 2.81 -19.18
C THR B 84 5.60 2.76 -17.95
N VAL B 85 6.76 2.11 -18.10
CA VAL B 85 7.79 2.06 -17.07
C VAL B 85 9.07 2.64 -17.66
N ILE B 86 9.59 3.69 -17.01
CA ILE B 86 10.92 4.18 -17.28
C ILE B 86 11.89 3.43 -16.36
N TRP B 87 12.69 2.53 -16.94
CA TRP B 87 13.64 1.75 -16.17
C TRP B 87 14.91 2.57 -15.96
N ASP B 88 15.35 2.66 -14.70
CA ASP B 88 16.59 3.34 -14.34
C ASP B 88 17.72 2.32 -14.36
N TYR B 89 18.55 2.37 -15.40
CA TYR B 89 19.58 1.37 -15.64
C TYR B 89 20.78 1.59 -14.72
N LYS B 90 20.95 2.81 -14.21
CA LYS B 90 22.05 3.12 -13.31
C LYS B 90 21.77 2.56 -11.92
N ARG B 91 20.48 2.53 -11.53
CA ARG B 91 20.07 1.97 -10.25
C ARG B 91 19.57 0.54 -10.42
N ASP B 92 19.39 0.11 -11.68
CA ASP B 92 18.83 -1.20 -11.99
C ASP B 92 17.51 -1.37 -11.25
N ALA B 93 16.61 -0.40 -11.44
CA ALA B 93 15.34 -0.36 -10.74
C ALA B 93 14.38 0.57 -11.50
N PRO B 94 13.07 0.52 -11.22
CA PRO B 94 12.13 1.49 -11.80
C PRO B 94 12.45 2.92 -11.35
N ALA B 95 12.38 3.87 -12.30
CA ALA B 95 12.60 5.27 -12.00
C ALA B 95 11.52 5.77 -11.04
N HIS B 96 10.31 5.19 -11.13
CA HIS B 96 9.19 5.57 -10.29
C HIS B 96 8.60 4.32 -9.64
N ILE B 97 8.20 4.45 -8.38
CA ILE B 97 7.85 3.29 -7.56
C ILE B 97 6.41 2.87 -7.84
N SER B 98 5.52 3.84 -8.12
CA SER B 98 4.14 3.55 -8.47
C SER B 98 3.98 3.61 -9.99
N THR B 99 2.88 3.04 -10.49
CA THR B 99 2.61 2.99 -11.92
C THR B 99 1.15 3.39 -12.19
N ILE B 100 0.85 3.57 -13.48
CA ILE B 100 -0.50 3.82 -13.95
C ILE B 100 -0.77 2.89 -15.14
N GLY B 101 -1.62 1.89 -14.93
CA GLY B 101 -2.06 0.99 -15.99
C GLY B 101 -0.94 0.08 -16.50
N VAL B 102 -0.11 -0.43 -15.57
CA VAL B 102 0.99 -1.30 -15.92
C VAL B 102 0.88 -2.61 -15.14
N CYS B 103 0.92 -2.50 -13.80
CA CYS B 103 1.06 -3.64 -12.92
C CYS B 103 0.08 -3.51 -11.76
N SER B 104 -0.65 -4.60 -11.48
CA SER B 104 -1.73 -4.59 -10.50
C SER B 104 -1.21 -4.34 -9.09
N MET B 105 0.05 -4.69 -8.82
CA MET B 105 0.64 -4.52 -7.51
C MET B 105 1.07 -3.07 -7.28
N THR B 106 1.51 -2.36 -8.34
CA THR B 106 2.10 -1.04 -8.19
C THR B 106 1.17 0.06 -8.72
N ASP B 107 0.05 -0.31 -9.34
CA ASP B 107 -0.86 0.66 -9.92
C ASP B 107 -1.59 1.43 -8.81
N ILE B 108 -1.54 2.77 -8.90
CA ILE B 108 -2.40 3.64 -8.11
C ILE B 108 -3.67 3.93 -8.92
N ALA B 109 -3.59 3.72 -10.25
CA ALA B 109 -4.71 3.97 -11.15
C ALA B 109 -4.51 3.17 -12.43
N LYS B 110 -5.59 3.06 -13.22
CA LYS B 110 -5.54 2.44 -14.53
C LYS B 110 -5.33 3.52 -15.59
N LYS B 111 -5.93 4.69 -15.37
CA LYS B 111 -5.78 5.83 -16.27
C LYS B 111 -5.34 7.06 -15.48
N PRO B 112 -4.53 7.96 -16.09
CA PRO B 112 -4.03 9.13 -15.39
C PRO B 112 -5.07 10.22 -15.12
N THR B 113 -6.30 10.02 -15.62
CA THR B 113 -7.40 10.95 -15.40
C THR B 113 -8.01 10.74 -14.02
N GLU B 114 -7.73 9.59 -13.39
CA GLU B 114 -8.25 9.28 -12.07
C GLU B 114 -7.73 10.32 -11.06
N THR B 115 -8.55 10.60 -10.04
CA THR B 115 -8.37 11.76 -9.19
C THR B 115 -7.15 11.60 -8.29
N ILE B 116 -6.72 10.36 -8.04
CA ILE B 116 -5.54 10.08 -7.24
C ILE B 116 -4.29 10.66 -7.91
N CYS B 117 -4.31 10.74 -9.24
CA CYS B 117 -3.15 11.17 -10.01
C CYS B 117 -2.99 12.69 -10.01
N ALA B 118 -4.05 13.42 -9.65
CA ALA B 118 -4.11 14.86 -9.82
C ALA B 118 -2.89 15.56 -9.21
N PRO B 119 -2.54 15.32 -7.92
CA PRO B 119 -1.40 16.01 -7.31
C PRO B 119 -0.01 15.56 -7.78
N LEU B 120 0.04 14.44 -8.53
CA LEU B 120 1.31 13.89 -9.00
C LEU B 120 1.65 14.46 -10.37
N THR B 121 2.95 14.74 -10.59
CA THR B 121 3.45 15.15 -11.90
C THR B 121 3.62 13.90 -12.76
N VAL B 122 2.63 13.64 -13.63
CA VAL B 122 2.60 12.44 -14.46
C VAL B 122 3.39 12.71 -15.74
N PHE B 123 4.21 11.73 -16.15
CA PHE B 123 4.97 11.83 -17.39
C PHE B 123 4.13 11.28 -18.54
N PHE B 124 4.00 12.10 -19.60
CA PHE B 124 3.23 11.73 -20.78
C PHE B 124 4.17 11.66 -21.99
N ASP B 125 3.97 10.64 -22.83
CA ASP B 125 4.76 10.44 -24.03
C ASP B 125 3.89 10.72 -25.25
N GLY B 126 4.12 11.88 -25.88
CA GLY B 126 3.28 12.36 -26.97
C GLY B 126 3.31 11.45 -28.20
N ARG B 127 4.34 10.59 -28.30
CA ARG B 127 4.46 9.65 -29.39
C ARG B 127 3.35 8.60 -29.32
N VAL B 128 2.84 8.33 -28.11
CA VAL B 128 1.76 7.39 -27.91
C VAL B 128 0.43 8.12 -28.10
N ASP B 129 -0.53 7.44 -28.75
CA ASP B 129 -1.81 8.03 -29.07
C ASP B 129 -2.57 8.40 -27.80
N GLY B 130 -3.09 9.63 -27.75
CA GLY B 130 -4.00 10.07 -26.70
C GLY B 130 -3.28 10.79 -25.56
N GLN B 131 -1.95 10.70 -25.51
CA GLN B 131 -1.18 11.13 -24.35
C GLN B 131 -1.18 12.66 -24.24
N VAL B 132 -1.14 13.36 -25.38
CA VAL B 132 -1.12 14.81 -25.41
C VAL B 132 -2.42 15.33 -24.79
N ASP B 133 -3.55 14.70 -25.15
CA ASP B 133 -4.85 15.09 -24.64
C ASP B 133 -4.92 14.84 -23.14
N LEU B 134 -4.30 13.74 -22.68
CA LEU B 134 -4.28 13.42 -21.26
C LEU B 134 -3.47 14.46 -20.50
N PHE B 135 -2.38 14.95 -21.11
CA PHE B 135 -1.56 16.00 -20.53
C PHE B 135 -2.38 17.28 -20.37
N ARG B 136 -3.20 17.60 -21.38
CA ARG B 136 -4.04 18.78 -21.35
C ARG B 136 -5.05 18.69 -20.20
N ASN B 137 -5.53 17.47 -19.91
CA ASN B 137 -6.53 17.26 -18.87
C ASN B 137 -5.88 17.13 -17.50
N ALA B 138 -4.57 16.82 -17.44
CA ALA B 138 -3.89 16.57 -16.18
C ALA B 138 -3.61 17.89 -15.46
N ARG B 139 -3.63 17.83 -14.12
CA ARG B 139 -3.37 19.00 -13.29
C ARG B 139 -1.85 19.24 -13.22
N ASN B 140 -1.10 18.15 -13.00
CA ASN B 140 0.35 18.19 -12.94
C ASN B 140 0.92 17.16 -13.89
N GLY B 141 1.90 17.55 -14.71
CA GLY B 141 2.51 16.61 -15.63
C GLY B 141 3.68 17.19 -16.42
N VAL B 142 4.41 16.30 -17.08
CA VAL B 142 5.45 16.65 -18.03
C VAL B 142 5.20 15.87 -19.32
N LEU B 143 5.31 16.55 -20.46
CA LEU B 143 5.03 15.95 -21.76
C LEU B 143 6.25 16.07 -22.65
N ILE B 144 6.52 15.00 -23.42
CA ILE B 144 7.50 15.06 -24.50
C ILE B 144 6.78 14.79 -25.82
N THR B 145 7.24 15.47 -26.89
CA THR B 145 6.77 15.20 -28.24
C THR B 145 7.96 15.29 -29.19
N GLU B 146 7.78 14.76 -30.40
CA GLU B 146 8.76 14.87 -31.47
C GLU B 146 8.53 16.17 -32.25
N GLY B 147 7.25 16.58 -32.35
CA GLY B 147 6.87 17.76 -33.11
C GLY B 147 6.13 18.77 -32.23
N SER B 148 5.56 19.80 -32.87
CA SER B 148 4.87 20.88 -32.19
C SER B 148 3.50 20.41 -31.72
N VAL B 149 3.05 20.99 -30.59
CA VAL B 149 1.70 20.83 -30.10
C VAL B 149 1.01 22.18 -30.22
N LYS B 150 -0.18 22.19 -30.86
CA LYS B 150 -0.83 23.44 -31.25
C LYS B 150 -1.11 24.29 -30.00
N GLY B 151 -0.52 25.49 -29.97
CA GLY B 151 -0.80 26.48 -28.95
C GLY B 151 0.18 26.42 -27.78
N LEU B 152 0.92 25.31 -27.63
CA LEU B 152 1.83 25.12 -26.52
C LEU B 152 3.23 25.57 -26.91
N GLN B 153 3.87 26.37 -26.04
CA GLN B 153 5.20 26.89 -26.29
C GLN B 153 6.22 25.83 -25.88
N PRO B 154 7.01 25.28 -26.82
CA PRO B 154 7.92 24.18 -26.52
C PRO B 154 9.22 24.62 -25.86
N SER B 155 9.87 23.65 -25.19
CA SER B 155 11.25 23.78 -24.76
C SER B 155 12.07 22.66 -25.39
N VAL B 156 13.09 23.03 -26.17
CA VAL B 156 13.93 22.07 -26.87
C VAL B 156 14.82 21.37 -25.86
N GLY B 157 14.58 20.06 -25.66
CA GLY B 157 15.28 19.28 -24.66
C GLY B 157 16.68 18.87 -25.15
N PRO B 158 17.34 17.89 -24.47
CA PRO B 158 18.65 17.42 -24.89
C PRO B 158 18.65 16.75 -26.26
N LYS B 159 19.84 16.66 -26.86
CA LYS B 159 20.03 15.95 -28.12
C LYS B 159 19.94 14.44 -27.87
N GLN B 160 20.44 14.01 -26.69
CA GLN B 160 20.58 12.59 -26.39
C GLN B 160 19.34 12.08 -25.66
N ALA B 161 19.12 10.76 -25.76
CA ALA B 161 18.10 10.06 -24.99
C ALA B 161 18.60 8.65 -24.70
N SER B 162 17.86 7.92 -23.84
CA SER B 162 18.27 6.59 -23.40
C SER B 162 17.47 5.51 -24.15
N LEU B 163 18.20 4.61 -24.81
CA LEU B 163 17.60 3.45 -25.48
C LEU B 163 18.14 2.18 -24.84
N ASN B 164 17.30 1.51 -24.05
CA ASN B 164 17.64 0.27 -23.37
C ASN B 164 18.93 0.45 -22.57
N GLY B 165 19.07 1.60 -21.90
CA GLY B 165 20.21 1.86 -21.02
C GLY B 165 21.38 2.51 -21.75
N VAL B 166 21.30 2.61 -23.09
CA VAL B 166 22.36 3.21 -23.88
C VAL B 166 21.97 4.65 -24.22
N THR B 167 22.78 5.60 -23.74
CA THR B 167 22.60 7.01 -24.06
C THR B 167 23.21 7.27 -25.44
N LEU B 168 22.44 7.94 -26.31
CA LEU B 168 22.90 8.21 -27.67
C LEU B 168 22.10 9.36 -28.28
N ILE B 169 22.72 10.03 -29.26
CA ILE B 169 22.03 10.97 -30.14
C ILE B 169 21.63 10.19 -31.39
N GLY B 170 20.31 10.02 -31.57
CA GLY B 170 19.78 9.03 -32.50
C GLY B 170 19.95 9.45 -33.96
N GLU B 171 20.22 8.44 -34.80
CA GLU B 171 20.32 8.63 -36.24
C GLU B 171 19.07 8.06 -36.91
N ALA B 172 18.79 6.78 -36.63
CA ALA B 172 17.65 6.07 -37.19
C ALA B 172 16.36 6.44 -36.46
N VAL B 173 16.50 6.92 -35.22
CA VAL B 173 15.35 7.31 -34.40
C VAL B 173 15.63 8.70 -33.81
N LYS B 174 14.55 9.42 -33.47
CA LYS B 174 14.66 10.74 -32.86
C LYS B 174 14.86 10.59 -31.36
N THR B 175 15.88 11.27 -30.84
CA THR B 175 16.14 11.37 -29.41
C THR B 175 15.93 12.80 -28.94
N GLN B 176 15.69 13.73 -29.88
CA GLN B 176 15.44 15.13 -29.58
C GLN B 176 13.95 15.33 -29.34
N PHE B 177 13.61 15.88 -28.17
CA PHE B 177 12.21 16.04 -27.76
C PHE B 177 11.92 17.50 -27.41
N ASN B 178 10.67 17.91 -27.64
CA ASN B 178 10.11 19.11 -27.05
C ASN B 178 9.57 18.76 -25.68
N TYR B 179 9.76 19.67 -24.70
CA TYR B 179 9.31 19.45 -23.34
C TYR B 179 8.22 20.47 -22.99
N TYR B 180 7.21 20.00 -22.25
CA TYR B 180 6.16 20.84 -21.71
C TYR B 180 5.91 20.41 -20.26
N LYS B 181 5.47 21.35 -19.42
CA LYS B 181 5.23 21.06 -18.01
C LYS B 181 4.01 21.85 -17.54
N LYS B 182 3.23 21.23 -16.65
CA LYS B 182 2.08 21.87 -16.03
C LYS B 182 2.19 21.74 -14.52
N VAL B 183 1.80 22.81 -13.81
CA VAL B 183 1.78 22.84 -12.35
C VAL B 183 0.44 23.43 -11.90
N ASP B 184 -0.35 22.63 -11.17
CA ASP B 184 -1.62 23.06 -10.62
C ASP B 184 -2.55 23.53 -11.74
N GLY B 185 -2.57 22.78 -12.85
CA GLY B 185 -3.50 23.02 -13.95
C GLY B 185 -3.06 24.17 -14.85
N VAL B 186 -1.83 24.66 -14.66
CA VAL B 186 -1.32 25.81 -15.40
C VAL B 186 -0.03 25.39 -16.11
N VAL B 187 0.03 25.64 -17.42
CA VAL B 187 1.24 25.40 -18.20
C VAL B 187 2.32 26.35 -17.69
N GLN B 188 3.51 25.79 -17.42
CA GLN B 188 4.60 26.54 -16.81
C GLN B 188 5.72 26.71 -17.82
N GLN B 189 6.27 27.94 -17.88
CA GLN B 189 7.40 28.25 -18.72
C GLN B 189 8.64 27.57 -18.16
N LEU B 190 9.25 26.67 -18.95
CA LEU B 190 10.49 26.02 -18.56
C LEU B 190 11.65 26.99 -18.80
N PRO B 191 12.65 27.05 -17.89
CA PRO B 191 13.73 28.01 -18.01
C PRO B 191 14.72 27.68 -19.12
N GLU B 192 15.46 28.70 -19.58
CA GLU B 192 16.57 28.50 -20.49
C GLU B 192 17.66 27.73 -19.75
N THR B 193 18.22 26.71 -20.41
CA THR B 193 19.09 25.76 -19.74
C THR B 193 20.19 25.28 -20.68
N TYR B 194 21.33 24.89 -20.09
CA TYR B 194 22.31 24.05 -20.77
C TYR B 194 21.95 22.60 -20.51
N PHE B 195 22.66 21.68 -21.16
CA PHE B 195 22.45 20.24 -20.94
C PHE B 195 23.81 19.56 -20.79
N THR B 196 23.88 18.62 -19.86
CA THR B 196 25.06 17.79 -19.68
C THR B 196 25.13 16.77 -20.83
N GLN B 197 26.34 16.28 -21.11
CA GLN B 197 26.61 15.50 -22.32
C GLN B 197 26.46 14.00 -22.06
N SER B 198 26.50 13.60 -20.78
CA SER B 198 26.22 12.22 -20.37
C SER B 198 27.28 11.27 -20.92
N ARG B 199 28.56 11.70 -20.89
CA ARG B 199 29.67 10.86 -21.29
C ARG B 199 30.29 10.23 -20.04
N ASN B 200 31.10 9.20 -20.23
CA ASN B 200 31.74 8.48 -19.13
C ASN B 200 33.23 8.81 -19.11
N LEU B 201 33.93 8.26 -18.10
CA LEU B 201 35.30 8.63 -17.78
C LEU B 201 36.27 8.19 -18.88
N GLN B 202 36.11 6.95 -19.38
CA GLN B 202 37.15 6.29 -20.15
C GLN B 202 36.80 6.27 -21.64
N GLU B 203 35.51 6.19 -21.97
CA GLU B 203 35.06 6.30 -23.35
C GLU B 203 34.64 7.74 -23.65
N PHE B 204 35.46 8.71 -23.21
CA PHE B 204 35.20 10.12 -23.46
C PHE B 204 35.62 10.41 -24.91
N LYS B 205 34.72 11.08 -25.65
CA LYS B 205 34.99 11.46 -27.02
C LYS B 205 34.57 12.92 -27.22
N PRO B 206 35.49 13.81 -27.67
CA PRO B 206 35.15 15.21 -27.88
C PRO B 206 33.96 15.43 -28.82
N ARG B 207 33.25 16.56 -28.62
CA ARG B 207 32.11 16.92 -29.45
C ARG B 207 32.22 18.38 -29.90
N SER B 208 33.44 18.91 -29.93
CA SER B 208 33.70 20.26 -30.38
C SER B 208 35.20 20.43 -30.65
N GLN B 209 35.55 21.46 -31.42
CA GLN B 209 36.93 21.73 -31.78
C GLN B 209 37.73 22.16 -30.54
N MET B 210 37.04 22.79 -29.58
CA MET B 210 37.66 23.27 -28.36
C MET B 210 38.06 22.09 -27.47
N GLU B 211 37.28 21.01 -27.51
CA GLU B 211 37.52 19.85 -26.66
C GLU B 211 38.69 19.02 -27.17
N ILE B 212 39.03 19.15 -28.45
CA ILE B 212 40.23 18.53 -28.99
C ILE B 212 41.43 19.39 -28.58
N ASP B 213 41.20 20.70 -28.47
CA ASP B 213 42.20 21.63 -27.96
C ASP B 213 42.27 21.50 -26.44
N PHE B 214 42.31 20.26 -25.96
CA PHE B 214 42.23 19.95 -24.54
C PHE B 214 42.50 18.45 -24.37
N LEU B 215 43.77 18.11 -24.06
CA LEU B 215 44.15 16.72 -23.91
C LEU B 215 45.46 16.65 -23.10
N GLU B 216 41.47 6.08 -9.64
CA GLU B 216 40.32 5.20 -9.32
C GLU B 216 39.10 6.06 -8.99
N LEU B 217 37.96 5.74 -9.63
CA LEU B 217 36.70 6.42 -9.39
C LEU B 217 35.80 5.52 -8.54
N GLU B 218 35.22 6.09 -7.48
CA GLU B 218 34.25 5.38 -6.66
C GLU B 218 32.92 6.15 -6.67
N ASP B 219 31.88 5.52 -7.21
CA ASP B 219 30.56 6.11 -7.31
C ASP B 219 29.73 5.62 -6.12
N PHE B 220 29.81 6.37 -5.01
CA PHE B 220 29.26 5.93 -3.74
C PHE B 220 27.78 6.30 -3.63
N ILE B 221 27.27 7.05 -4.62
CA ILE B 221 25.83 7.24 -4.78
C ILE B 221 25.46 6.86 -6.21
N PRO B 222 25.38 5.55 -6.55
CA PRO B 222 25.10 5.12 -7.91
C PRO B 222 23.68 5.46 -8.37
N MET B 223 23.54 6.60 -9.03
CA MET B 223 22.27 7.05 -9.59
C MET B 223 22.55 8.07 -10.70
N ASP B 224 21.51 8.34 -11.50
CA ASP B 224 21.61 9.32 -12.57
C ASP B 224 21.30 10.70 -11.99
N SER B 225 22.22 11.66 -12.21
CA SER B 225 22.04 13.02 -11.74
C SER B 225 22.94 13.97 -12.53
N THR B 226 22.57 15.26 -12.50
CA THR B 226 23.28 16.30 -13.24
C THR B 226 24.69 16.46 -12.66
N VAL B 227 24.78 16.56 -11.33
CA VAL B 227 26.05 16.60 -10.63
C VAL B 227 26.33 15.22 -10.04
N LYS B 228 27.59 14.79 -10.14
CA LYS B 228 28.03 13.51 -9.59
C LYS B 228 29.16 13.74 -8.60
N ASN B 229 29.08 13.08 -7.45
CA ASN B 229 30.13 13.09 -6.45
C ASN B 229 30.87 11.75 -6.49
N TYR B 230 32.21 11.83 -6.39
CA TYR B 230 33.05 10.64 -6.46
C TYR B 230 34.11 10.71 -5.36
N PHE B 231 34.49 9.52 -4.86
CA PHE B 231 35.64 9.37 -3.97
C PHE B 231 36.82 8.93 -4.84
N ILE B 232 37.78 9.85 -5.02
CA ILE B 232 38.90 9.63 -5.93
C ILE B 232 40.11 9.16 -5.12
N THR B 233 40.85 8.19 -5.67
CA THR B 233 42.16 7.82 -5.17
C THR B 233 43.11 7.72 -6.35
N ASP B 234 44.09 8.63 -6.42
CA ASP B 234 45.05 8.65 -7.51
C ASP B 234 46.07 7.52 -7.30
N ALA B 235 46.12 6.59 -8.26
CA ALA B 235 46.94 5.40 -8.15
C ALA B 235 48.43 5.75 -8.20
N GLN B 236 48.77 6.79 -8.96
CA GLN B 236 50.16 7.17 -9.20
C GLN B 236 50.72 7.89 -7.97
N THR B 237 50.15 9.07 -7.67
CA THR B 237 50.71 9.97 -6.66
C THR B 237 50.31 9.51 -5.26
N GLY B 238 49.04 9.12 -5.12
CA GLY B 238 48.46 8.80 -3.82
C GLY B 238 47.57 9.93 -3.31
N SER B 239 47.36 10.95 -4.16
CA SER B 239 46.46 12.05 -3.84
C SER B 239 45.01 11.56 -3.93
N SER B 240 44.21 11.90 -2.92
CA SER B 240 42.83 11.44 -2.83
C SER B 240 41.93 12.54 -2.29
N LYS B 241 40.64 12.43 -2.61
CA LYS B 241 39.62 13.34 -2.08
C LYS B 241 38.32 12.56 -1.90
N CYS B 242 37.64 12.82 -0.77
CA CYS B 242 36.48 12.05 -0.37
C CYS B 242 35.28 12.40 -1.25
N VAL B 243 35.09 13.70 -1.51
CA VAL B 243 34.04 14.18 -2.41
C VAL B 243 34.68 15.07 -3.46
N CYS B 244 34.67 14.58 -4.71
CA CYS B 244 35.06 15.37 -5.86
C CYS B 244 33.85 15.52 -6.78
N SER B 245 33.24 16.71 -6.79
CA SER B 245 32.06 16.98 -7.58
C SER B 245 32.44 17.11 -9.05
N VAL B 246 31.63 16.49 -9.93
CA VAL B 246 31.91 16.45 -11.36
C VAL B 246 30.62 16.70 -12.12
N ILE B 247 30.72 17.47 -13.21
CA ILE B 247 29.62 17.69 -14.14
C ILE B 247 30.19 17.64 -15.55
N ASP B 248 29.42 17.01 -16.46
CA ASP B 248 29.87 16.80 -17.83
C ASP B 248 29.21 17.84 -18.74
N LEU B 249 29.67 19.09 -18.62
CA LEU B 249 29.29 20.14 -19.55
C LEU B 249 30.23 20.12 -20.75
N LEU B 250 29.72 20.58 -21.90
CA LEU B 250 30.57 20.90 -23.04
C LEU B 250 31.45 22.08 -22.64
N LEU B 251 32.76 21.99 -22.94
CA LEU B 251 33.72 22.99 -22.48
C LEU B 251 33.33 24.36 -23.03
N ASP B 252 32.83 24.39 -24.27
CA ASP B 252 32.39 25.61 -24.91
C ASP B 252 31.33 26.31 -24.06
N ASP B 253 30.39 25.55 -23.51
CA ASP B 253 29.30 26.08 -22.71
C ASP B 253 29.84 26.62 -21.37
N PHE B 254 30.87 25.96 -20.85
CA PHE B 254 31.44 26.32 -19.55
C PHE B 254 32.16 27.66 -19.65
N VAL B 255 32.67 27.99 -20.85
CA VAL B 255 33.37 29.25 -21.06
C VAL B 255 32.40 30.41 -20.85
N GLU B 256 31.15 30.25 -21.33
CA GLU B 256 30.13 31.28 -21.20
C GLU B 256 29.75 31.43 -19.73
N VAL B 257 27.31 31.83 -8.06
CA VAL B 257 26.65 32.12 -9.38
C VAL B 257 25.65 31.00 -9.68
N LYS B 258 24.49 31.38 -10.20
CA LYS B 258 23.41 30.44 -10.51
C LYS B 258 23.45 30.12 -12.00
N VAL B 259 23.36 28.83 -12.33
CA VAL B 259 23.36 28.36 -13.71
C VAL B 259 22.34 27.23 -13.84
N THR B 260 21.45 27.35 -14.83
CA THR B 260 20.43 26.34 -15.09
C THR B 260 21.02 25.28 -16.02
N ILE B 261 21.06 24.03 -15.54
CA ILE B 261 21.57 22.91 -16.32
C ILE B 261 20.61 21.74 -16.12
N ASP B 262 20.20 21.11 -17.24
CA ASP B 262 19.24 20.01 -17.22
C ASP B 262 17.96 20.45 -16.51
N TYR B 263 17.60 21.74 -16.68
CA TYR B 263 16.38 22.33 -16.13
C TYR B 263 16.44 22.49 -14.61
N THR B 264 17.62 22.30 -14.00
CA THR B 264 17.76 22.50 -12.57
C THR B 264 18.83 23.55 -12.31
N GLU B 265 18.69 24.25 -11.17
CA GLU B 265 19.59 25.34 -10.81
C GLU B 265 20.82 24.77 -10.10
N ILE B 266 21.99 24.93 -10.73
CA ILE B 266 23.25 24.50 -10.15
C ILE B 266 24.00 25.74 -9.65
N SER B 267 24.64 25.60 -8.49
CA SER B 267 25.39 26.70 -7.87
C SER B 267 26.88 26.37 -7.91
N PHE B 268 27.68 27.36 -8.34
CA PHE B 268 29.13 27.23 -8.41
C PHE B 268 29.77 28.16 -7.39
C TRS C . 5.96 -8.98 16.50
C1 TRS C . 4.63 -9.49 17.04
C2 TRS C . 7.09 -9.34 17.46
C3 TRS C . 5.91 -7.48 16.28
N TRS C . 6.23 -9.66 15.19
O1 TRS C . 4.49 -10.90 16.92
O2 TRS C . 8.37 -9.18 16.85
O3 TRS C . 5.60 -7.15 14.93
N5 GXU D . -30.48 -23.76 -0.96
N7 GXU D . -29.95 -25.39 3.55
C8 GXU D . -29.47 -23.86 -2.91
C10 GXU D . -31.28 -24.39 -1.78
C12 GXU D . -30.76 -23.47 0.46
C13 GXU D . -28.38 -23.63 -3.88
C14 GXU D . -28.12 -22.70 -1.16
C15 GXU D . -27.15 -22.92 -3.47
C16 GXU D . -27.02 -22.46 -2.14
C17 GXU D . -32.65 -24.94 -1.43
C18 GXU D . -30.99 -26.62 -4.20
C19 GXU D . -30.10 -24.47 1.39
C21 GXU D . -25.86 -21.79 -1.75
C22 GXU D . -24.96 -22.03 -3.97
C23 GXU D . -24.84 -21.58 -2.66
C24 GXU D . -30.50 -24.53 2.71
C9 GXU D . -29.35 -23.42 -1.60
C11 GXU D . -31.27 -25.10 -4.20
C20 GXU D . -26.12 -22.70 -4.38
C25 GXU D . -29.49 -27.55 -2.57
C26 GXU D . -28.59 -26.15 1.79
C27 GXU D . -29.00 -26.21 3.11
N4 GXU D . -30.69 -24.47 -3.00
N6 GXU D . -29.15 -25.29 0.96
O1 GXU D . -28.50 -24.02 -5.04
O2 GXU D . -28.00 -22.31 -0.03
O3 GXU D . -29.64 -26.88 -3.81
C TRS E . 19.38 -7.37 -14.05
C1 TRS E . 17.92 -6.99 -14.32
C2 TRS E . 20.31 -6.37 -14.72
C3 TRS E . 19.68 -8.78 -14.55
N TRS E . 19.62 -7.33 -12.56
O1 TRS E . 17.45 -6.00 -13.42
O2 TRS E . 21.64 -6.45 -14.23
O3 TRS E . 18.90 -9.77 -13.90
#